data_3MUW
#
_entry.id   3MUW
#
_cell.length_a   1.0
_cell.length_b   1.0
_cell.length_c   1.0
_cell.angle_alpha   90.0
_cell.angle_beta   90.0
_cell.angle_gamma   90.0
#
_symmetry.space_group_name_H-M   'P 1'
#
loop_
_entity.id
_entity.type
_entity.pdbx_description
1 polymer 'Structural polyprotein'
2 polymer 'Structural polyprotein'
#
loop_
_entity_poly.entity_id
_entity_poly.type
_entity_poly.pdbx_seq_one_letter_code
_entity_poly.pdbx_strand_id
1 'polypeptide(L)'
;YEHATTVPNVPQIPYKALVERAGYAPLNLEITVMSSEVLPSTNQEYITCKFTTVVPSPKIKCCGSLECQPAAHADYTCKV
FGGVYPFMWGGAQCFCDSENSQMSEAYVELSADCASDHAQAIKVHTAAMKVGLRIVYGNTTSFLDVYVNGVTPGTSKDLK
VIAGPISASFTPFDHKVVIHRGLVYNYDFPEYGAMKPGAFGDIQATSLTSKDLIASTDIRLLKPSAKNVHVPYTQASSGF
EMWKNNSGRPLQETAPFGCKIAVNPLRAVDCSYGNIPISIDIPNAAFIRTSDAPLVSTVKCEVSECTYSADFGGMATLQY
VSDREGQCPVHSHSSTATLQESTVHVLEKGAVTVHFSTASPQANFIVSLCGKKTTCNAECKPPA
;
A,D,E,F
2 'polypeptide(L)'
;SVIDDFTLTSPYLGTCSYCHHTVPCFSPVKIEQVWDEADDNTIRIQTSAQFGYDQSGAASANKYRYMSLKQDHTVKEGTM
DDIKISTSGPCRRLSYKGYFLLAKCPPGDSVTVSIVSSNSATSCTLARKIKPKFVGREKYDLPPVHGKKIPCTVYDRLKE
TTAGYITMHRPRPHAYTSYLEESSGKVYAKPPSGKNITYECKCGDYKTGTVSTRTEITGCTAIKQCVAYKSDQTKWVFNS
PDLIRHDDHTAQGKLHLPFKLIPSTCMVPVAHAPNVIHGFKHISLQLDTDHLTLLTTRRLGANPEPTTEWIVGKTVRNFT
VDRDGLEYIWGNHEPVRVYAQESA
;
U,X,Y,Z
#
# COMPACT_ATOMS: atom_id res chain seq x y z
CA TYR A 1 15.12 -33.81 -9.83
CA GLU A 2 12.06 -32.60 -11.74
CA HIS A 3 10.72 -35.20 -14.18
CA ALA A 4 8.06 -34.77 -16.86
CA THR A 5 5.99 -37.77 -17.99
CA THR A 6 2.44 -38.32 -19.24
CA VAL A 7 0.44 -41.05 -17.53
CA PRO A 8 -2.69 -42.47 -19.18
CA ASN A 9 -5.75 -41.96 -16.99
CA VAL A 10 -6.83 -45.51 -16.18
CA PRO A 11 -7.42 -46.81 -12.64
CA GLN A 12 -5.18 -49.54 -11.17
CA ILE A 13 -2.90 -49.85 -14.19
CA PRO A 14 0.73 -49.04 -13.21
CA TYR A 15 2.99 -47.01 -15.49
CA LYS A 16 6.65 -48.03 -15.61
CA ALA A 17 9.20 -45.42 -16.67
CA LEU A 18 12.93 -44.75 -16.33
CA VAL A 19 14.53 -41.68 -14.81
CA GLU A 20 17.59 -40.84 -16.89
CA ARG A 21 20.13 -38.51 -15.26
CA ALA A 22 23.71 -37.79 -16.31
CA GLY A 23 26.15 -39.91 -14.33
CA TYR A 24 23.34 -41.03 -12.04
CA ALA A 25 21.90 -44.55 -12.18
CA PRO A 26 18.37 -45.08 -13.59
CA LEU A 27 15.46 -44.90 -11.17
CA ASN A 28 12.63 -47.21 -10.23
CA LEU A 29 9.50 -45.29 -11.24
CA GLU A 30 5.98 -46.71 -11.23
CA ILE A 31 2.85 -44.56 -11.00
CA THR A 32 -0.58 -46.04 -10.30
CA VAL A 33 -3.65 -43.80 -10.59
CA MET A 34 -5.53 -45.58 -7.83
CA SER A 35 -8.65 -43.45 -8.06
CA SER A 36 -9.90 -40.60 -10.23
CA GLU A 37 -12.81 -38.33 -9.29
CA VAL A 38 -14.42 -35.77 -11.54
CA LEU A 39 -16.11 -33.17 -9.33
CA PRO A 40 -18.24 -30.56 -11.09
CA SER A 41 -19.98 -27.58 -9.46
CA THR A 42 -23.55 -28.09 -8.34
CA ASN A 43 -26.02 -25.20 -8.15
CA GLN A 44 -29.06 -26.95 -6.67
CA GLU A 45 -32.05 -25.16 -8.19
CA TYR A 46 -35.20 -26.62 -6.64
CA ILE A 47 -36.83 -29.59 -5.01
CA THR A 48 -39.92 -31.25 -6.43
CA CYS A 49 -42.25 -34.06 -5.49
CA LYS A 50 -45.80 -35.38 -5.30
CA PHE A 51 -47.91 -32.34 -4.45
CA THR A 52 -51.13 -32.46 -2.47
CA THR A 53 -54.11 -30.28 -3.34
CA VAL A 54 -55.97 -28.62 -0.51
CA VAL A 55 -59.57 -27.57 -0.98
CA PRO A 56 -61.04 -25.32 1.73
CA SER A 57 -64.82 -25.37 2.18
CA PRO A 58 -66.25 -22.93 -0.37
CA LYS A 59 -67.32 -19.55 0.91
CA ILE A 60 -70.89 -18.89 -0.19
CA LYS A 61 -72.80 -15.73 0.78
CA CYS A 62 -76.78 -16.25 0.20
CA CYS A 63 -77.83 -13.16 -1.75
CA GLY A 64 -74.36 -11.67 -2.22
CA SER A 65 -71.67 -11.09 -4.84
CA LEU A 66 -68.49 -13.08 -4.19
CA GLU A 67 -65.74 -11.72 -6.48
CA CYS A 68 -62.15 -12.94 -6.06
CA GLN A 69 -59.12 -11.19 -4.65
CA PRO A 70 -55.54 -11.69 -5.85
CA ALA A 71 -54.81 -14.28 -3.15
CA ALA A 72 -51.28 -15.45 -3.96
CA HIS A 73 -50.18 -18.51 -2.00
CA ALA A 74 -48.76 -21.51 -3.84
CA ASP A 75 -50.95 -23.06 -6.53
CA TYR A 76 -53.98 -20.96 -5.59
CA THR A 77 -56.94 -20.81 -7.97
CA CYS A 78 -60.36 -19.22 -7.40
CA LYS A 79 -63.39 -19.07 -9.63
CA VAL A 80 -66.59 -17.13 -9.11
CA PHE A 81 -69.63 -19.24 -9.90
CA GLY A 82 -72.93 -17.41 -10.11
CA GLY A 83 -76.52 -18.53 -9.73
CA VAL A 84 -75.89 -21.66 -7.70
CA TYR A 85 -78.18 -23.07 -5.00
CA PRO A 86 -81.81 -21.95 -4.55
CA PHE A 87 -83.85 -21.63 -1.34
CA MET A 88 -84.34 -23.99 1.59
CA TRP A 89 -82.13 -27.03 0.92
CA GLY A 90 -80.98 -27.96 -2.59
CA GLY A 91 -77.85 -26.03 -2.43
CA ALA A 92 -77.45 -24.50 1.05
CA GLN A 93 -79.72 -22.70 3.48
CA CYS A 94 -80.50 -19.61 1.40
CA PHE A 95 -83.73 -18.00 0.16
CA CYS A 96 -82.90 -16.59 -3.28
CA ASP A 97 -82.54 -18.46 -6.58
CA SER A 98 -80.59 -16.64 -9.30
CA GLU A 99 -78.87 -14.22 -6.99
CA ASN A 100 -76.41 -16.73 -5.55
CA SER A 101 -72.64 -17.09 -5.83
CA GLN A 102 -69.97 -19.55 -4.76
CA MET A 103 -66.20 -19.04 -4.77
CA SER A 104 -64.23 -22.18 -5.48
CA GLU A 105 -60.63 -21.91 -4.35
CA ALA A 106 -57.85 -24.49 -4.17
CA TYR A 107 -54.07 -24.64 -3.96
CA VAL A 108 -51.29 -27.25 -3.76
CA GLU A 109 -48.87 -28.22 -0.97
CA LEU A 110 -46.13 -30.81 -0.55
CA SER A 111 -47.01 -34.38 0.28
CA ALA A 112 -46.98 -35.59 3.86
CA ASP A 113 -44.07 -37.54 2.45
CA CYS A 114 -42.52 -35.07 -0.03
CA ALA A 115 -39.42 -35.31 2.11
CA SER A 116 -38.93 -39.07 1.97
CA ASP A 117 -39.30 -39.17 -1.85
CA HIS A 118 -38.36 -36.19 -4.00
CA ALA A 119 -35.91 -35.16 -6.65
CA GLN A 120 -33.41 -32.37 -7.06
CA ALA A 121 -33.10 -30.12 -10.07
CA ILE A 122 -29.43 -29.29 -10.33
CA LYS A 123 -27.32 -27.17 -12.65
CA VAL A 124 -23.84 -28.50 -13.39
CA HIS A 125 -20.95 -26.32 -14.46
CA THR A 126 -17.25 -26.76 -15.14
CA ALA A 127 -15.48 -29.34 -12.97
CA ALA A 128 -12.23 -30.20 -11.28
CA MET A 129 -10.72 -33.67 -10.89
CA LYS A 130 -8.67 -35.14 -8.07
CA VAL A 131 -6.50 -38.22 -8.58
CA GLY A 132 -5.32 -40.76 -6.01
CA LEU A 133 -1.80 -41.38 -7.20
CA ARG A 134 0.69 -43.91 -5.90
CA ILE A 135 4.27 -43.37 -6.98
CA VAL A 136 7.19 -45.63 -6.12
CA TYR A 137 10.82 -44.59 -6.45
CA GLY A 138 13.70 -46.87 -5.53
CA ASN A 139 13.19 -48.49 -2.13
CA THR A 140 10.36 -46.14 -1.12
CA THR A 141 6.72 -45.85 -2.18
CA SER A 142 4.61 -42.73 -1.63
CA PHE A 143 1.17 -41.43 -2.57
CA LEU A 144 -0.54 -38.08 -2.91
CA ASP A 145 -3.96 -36.82 -3.99
CA VAL A 146 -3.61 -34.18 -6.64
CA TYR A 147 -6.01 -31.88 -8.49
CA VAL A 148 -5.52 -31.83 -12.22
CA ASN A 149 -4.41 -28.36 -13.27
CA GLY A 150 -0.98 -27.01 -14.10
CA VAL A 151 -0.95 -25.39 -10.67
CA THR A 152 -1.92 -27.06 -7.39
CA PRO A 153 0.78 -29.35 -5.97
CA GLY A 154 -0.33 -32.18 -3.69
CA THR A 155 1.75 -31.26 -0.64
CA SER A 156 2.91 -34.85 -0.11
CA LYS A 157 5.34 -34.03 2.69
CA ASP A 158 8.39 -34.92 0.60
CA LEU A 159 7.79 -34.94 -3.15
CA LYS A 160 6.15 -32.16 -5.16
CA VAL A 161 3.75 -33.64 -7.71
CA ILE A 162 1.77 -31.16 -9.82
CA ALA A 163 -0.58 -32.86 -12.26
CA GLY A 164 -0.83 -30.87 -15.48
CA PRO A 165 -4.18 -30.09 -17.16
CA ILE A 166 -5.97 -33.19 -18.38
CA SER A 167 -5.66 -33.85 -22.14
CA ALA A 168 -9.38 -33.72 -22.99
CA SER A 169 -12.08 -31.97 -20.98
CA PHE A 170 -14.79 -34.61 -20.68
CA THR A 171 -17.85 -34.83 -18.46
CA PRO A 172 -20.58 -37.48 -18.09
CA PHE A 173 -23.05 -34.72 -17.23
CA ASP A 174 -25.15 -32.07 -18.98
CA HIS A 175 -25.63 -28.51 -17.75
CA LYS A 176 -28.88 -29.71 -16.19
CA VAL A 177 -29.19 -32.93 -14.20
CA VAL A 178 -31.80 -34.50 -11.95
CA ILE A 179 -30.95 -36.49 -8.87
CA HIS A 180 -33.69 -38.75 -7.60
CA ARG A 181 -32.76 -41.30 -4.98
CA GLY A 182 -29.11 -42.19 -5.37
CA LEU A 183 -29.63 -41.81 -9.03
CA VAL A 184 -28.78 -39.07 -11.42
CA TYR A 185 -30.28 -38.48 -14.88
CA ASN A 186 -29.37 -35.95 -17.54
CA TYR A 187 -32.71 -34.11 -17.78
CA ASP A 188 -33.40 -30.56 -19.04
CA PHE A 189 -35.77 -29.63 -16.20
CA PRO A 190 -37.34 -26.19 -16.57
CA GLU A 191 -35.92 -23.09 -14.88
CA TYR A 192 -37.17 -22.23 -11.43
CA GLY A 193 -40.33 -20.28 -12.14
CA ALA A 194 -41.16 -21.34 -15.67
CA MET A 195 -43.01 -24.54 -14.88
CA LYS A 196 -45.24 -26.64 -17.10
CA PRO A 197 -47.86 -28.79 -15.33
CA GLY A 198 -47.93 -32.58 -15.42
CA ALA A 199 -44.33 -32.47 -16.68
CA PHE A 200 -41.28 -32.71 -14.41
CA GLY A 201 -40.97 -29.76 -12.09
CA ASP A 202 -44.66 -28.94 -12.07
CA ILE A 203 -44.18 -27.72 -8.49
CA GLN A 204 -40.92 -26.16 -7.28
CA ALA A 205 -39.24 -25.20 -4.02
CA THR A 206 -35.75 -23.98 -3.11
CA SER A 207 -35.30 -26.35 -0.17
CA LEU A 208 -37.27 -29.16 1.47
CA THR A 209 -38.28 -26.74 4.22
CA SER A 210 -41.12 -25.79 1.88
CA LYS A 211 -39.31 -22.40 0.94
CA ASP A 212 -41.43 -19.96 -1.30
CA LEU A 213 -42.75 -22.87 -3.41
CA ILE A 214 -44.26 -22.07 -6.80
CA ALA A 215 -46.56 -24.56 -8.52
CA SER A 216 -48.46 -24.73 -11.82
CA THR A 217 -50.80 -27.76 -11.94
CA ASP A 218 -53.60 -26.85 -14.39
CA ILE A 219 -56.32 -26.91 -11.75
CA ARG A 220 -59.75 -26.35 -13.19
CA LEU A 221 -62.81 -25.45 -11.13
CA LEU A 222 -66.23 -26.72 -12.09
CA LYS A 223 -69.65 -25.20 -11.49
CA PRO A 224 -71.03 -27.33 -8.64
CA SER A 225 -74.48 -28.90 -9.00
CA ALA A 226 -77.23 -28.15 -6.49
CA LYS A 227 -77.85 -31.08 -4.17
CA ASN A 228 -74.77 -30.74 -1.95
CA VAL A 229 -72.04 -28.23 -1.20
CA HIS A 230 -69.23 -30.02 -2.97
CA VAL A 231 -66.44 -28.25 -4.85
CA PRO A 232 -65.55 -29.98 -8.15
CA TYR A 233 -62.23 -29.60 -9.91
CA THR A 234 -60.04 -31.24 -12.52
CA GLN A 235 -56.30 -30.93 -12.40
CA ALA A 236 -53.20 -32.11 -14.18
CA SER A 237 -51.22 -35.21 -13.36
CA SER A 238 -48.26 -35.29 -10.95
CA GLY A 239 -45.37 -34.24 -13.20
CA PHE A 240 -43.18 -36.00 -10.67
CA GLU A 241 -44.74 -39.45 -10.54
CA MET A 242 -45.07 -38.90 -14.28
CA TRP A 243 -41.34 -38.38 -14.64
CA LYS A 244 -40.64 -41.29 -12.29
CA ASN A 245 -42.58 -43.80 -14.45
CA ASN A 246 -40.56 -42.42 -17.31
CA SER A 247 -37.18 -41.69 -15.81
CA GLY A 248 -34.59 -43.40 -17.92
CA ARG A 249 -31.88 -45.74 -17.01
CA PRO A 250 -29.62 -43.74 -14.58
CA LEU A 251 -26.32 -42.25 -15.65
CA GLN A 252 -24.57 -44.70 -13.34
CA GLU A 253 -25.70 -47.11 -16.06
CA THR A 254 -25.10 -45.02 -19.18
CA ALA A 255 -21.88 -43.15 -18.35
CA PRO A 256 -19.78 -42.73 -21.56
CA PHE A 257 -16.39 -43.91 -20.18
CA GLY A 258 -17.19 -46.56 -17.63
CA CYS A 259 -17.51 -43.89 -14.98
CA LYS A 260 -19.03 -44.87 -11.65
CA ILE A 261 -21.44 -41.99 -10.97
CA ALA A 262 -21.80 -40.98 -7.30
CA VAL A 263 -24.12 -38.86 -5.15
CA ASN A 264 -23.61 -36.94 -2.45
CA PRO A 265 -20.81 -34.95 -3.88
CA LEU A 266 -21.85 -35.19 -7.54
CA ARG A 267 -18.92 -37.14 -8.97
CA ALA A 268 -17.68 -39.45 -11.71
CA VAL A 269 -15.53 -42.04 -9.91
CA ASP A 270 -12.85 -43.92 -11.86
CA CYS A 271 -13.50 -42.79 -15.41
CA SER A 272 -10.91 -43.74 -18.01
CA TYR A 273 -9.92 -41.37 -20.81
CA GLY A 274 -6.94 -39.35 -22.00
CA ASN A 275 -3.51 -38.96 -20.48
CA ILE A 276 -2.43 -36.91 -17.46
CA PRO A 277 0.73 -34.86 -17.69
CA ILE A 278 2.69 -35.27 -14.46
CA SER A 279 5.68 -33.42 -13.05
CA ILE A 280 7.59 -35.15 -10.26
CA ASP A 281 10.25 -33.79 -7.89
CA ILE A 282 12.47 -36.67 -6.71
CA PRO A 283 14.47 -35.87 -3.56
CA ASN A 284 18.17 -36.33 -4.35
CA ALA A 285 18.24 -38.13 -0.99
CA ALA A 286 17.54 -41.55 -2.47
CA PHE A 287 17.84 -42.03 -6.24
CA ILE A 288 21.45 -43.18 -6.40
CA ARG A 289 24.42 -41.94 -8.44
CA THR A 290 26.66 -44.43 -10.28
CA SER A 291 29.10 -45.21 -7.47
CA ASP A 292 27.50 -48.56 -6.65
CA ALA A 293 27.12 -51.24 -9.33
CA PRO A 294 30.54 -53.42 -4.98
CA LEU A 295 31.11 -53.33 -8.74
CA VAL A 296 28.81 -54.53 -11.52
CA SER A 297 29.71 -54.87 -15.19
CA THR A 298 28.57 -56.48 -18.44
CA VAL A 299 24.90 -57.27 -18.96
CA LYS A 300 23.55 -58.95 -22.10
CA CYS A 301 19.99 -60.13 -22.71
CA GLU A 302 18.73 -63.45 -24.07
CA VAL A 303 15.06 -64.43 -24.45
CA SER A 304 14.22 -68.12 -23.99
CA GLU A 305 10.47 -68.17 -24.67
CA CYS A 306 7.73 -65.63 -25.38
CA THR A 307 3.99 -65.37 -25.98
CA TYR A 308 2.25 -62.37 -27.56
CA SER A 309 -0.36 -60.46 -25.52
CA ALA A 310 -0.46 -62.82 -22.52
CA ASP A 311 -0.35 -62.14 -18.79
CA PHE A 312 3.33 -63.06 -18.43
CA GLY A 313 4.40 -65.28 -21.31
CA GLY A 314 7.80 -63.64 -21.64
CA MET A 315 10.94 -65.42 -20.45
CA ALA A 316 14.40 -63.82 -20.66
CA THR A 317 17.74 -64.45 -18.95
CA LEU A 318 20.63 -62.09 -18.21
CA GLN A 319 24.29 -63.10 -18.22
CA TYR A 320 26.83 -60.80 -16.57
CA VAL A 321 29.73 -60.50 -14.14
CA SER A 322 29.44 -59.17 -10.58
CA ASP A 323 32.09 -58.45 -7.94
CA ARG A 324 29.91 -59.71 -5.08
CA GLU A 325 26.34 -60.52 -4.10
CA GLY A 326 23.55 -57.98 -3.67
CA GLN A 327 20.03 -57.00 -4.69
CA CYS A 328 19.28 -55.28 -8.01
CA PRO A 329 16.07 -53.55 -9.15
CA VAL A 330 15.13 -54.69 -12.66
CA HIS A 331 12.96 -52.46 -14.83
CA SER A 332 12.13 -51.72 -18.48
CA HIS A 333 12.85 -48.32 -20.05
CA SER A 334 10.27 -48.77 -22.81
CA SER A 335 6.51 -49.25 -22.57
CA THR A 336 6.64 -51.88 -25.32
CA ALA A 337 7.22 -54.35 -22.49
CA THR A 338 6.98 -54.62 -18.71
CA LEU A 339 8.59 -56.94 -16.15
CA GLN A 340 6.68 -59.14 -13.69
CA GLU A 341 9.30 -58.49 -11.02
CA SER A 342 11.15 -55.32 -10.09
CA THR A 343 13.95 -56.76 -7.94
CA VAL A 344 16.40 -59.65 -8.36
CA HIS A 345 18.95 -61.43 -6.15
CA VAL A 346 22.18 -61.00 -8.09
CA LEU A 347 24.66 -63.80 -7.43
CA GLU A 348 28.21 -64.37 -8.65
CA LYS A 349 26.99 -67.03 -11.10
CA GLY A 350 26.16 -64.36 -13.67
CA ALA A 351 22.72 -65.65 -14.56
CA VAL A 352 19.38 -63.94 -13.88
CA THR A 353 16.05 -65.29 -15.12
CA VAL A 354 13.16 -62.82 -15.44
CA HIS A 355 9.53 -62.94 -16.61
CA PHE A 356 7.92 -60.19 -18.69
CA SER A 357 4.69 -59.32 -20.50
CA THR A 358 4.16 -57.77 -23.92
CA ALA A 359 1.69 -57.40 -26.79
CA SER A 360 3.83 -57.39 -29.94
CA PRO A 361 5.40 -59.84 -32.41
CA GLN A 362 8.98 -58.58 -32.58
CA ALA A 363 9.47 -56.16 -29.69
CA ASN A 364 12.48 -54.01 -28.81
CA PHE A 365 12.98 -52.98 -25.18
CA ILE A 366 15.84 -51.76 -22.98
CA VAL A 367 15.98 -53.74 -19.74
CA SER A 368 18.01 -52.39 -16.83
CA LEU A 369 19.75 -54.12 -13.93
CA CYS A 370 21.11 -52.27 -10.92
CA GLY A 371 22.95 -49.61 -12.92
CA LYS A 372 23.62 -51.38 -16.20
CA LYS A 373 21.39 -51.46 -19.28
CA THR A 374 20.95 -53.77 -22.27
CA THR A 375 18.63 -54.66 -25.14
CA CYS A 376 16.44 -57.75 -25.62
CA ASN A 377 14.82 -59.41 -28.63
CA ALA A 378 12.56 -62.29 -29.66
CA GLU A 379 9.52 -63.26 -31.74
CA CYS A 380 6.16 -63.96 -30.09
CA PHE B 6 -56.23 -31.12 22.30
CA THR B 7 -59.05 -30.36 20.47
CA LEU B 8 -60.25 -27.13 18.93
CA THR B 9 -62.00 -28.74 15.98
CA SER B 10 -64.58 -31.52 15.54
CA PRO B 11 -65.36 -34.32 12.99
CA TYR B 12 -67.24 -33.26 9.85
CA LEU B 13 -69.25 -34.95 7.09
CA GLY B 14 -68.21 -35.37 3.47
CA THR B 15 -69.72 -36.59 0.24
CA CYS B 16 -68.48 -40.08 -0.63
CA SER B 17 -68.82 -42.24 -3.74
CA TYR B 18 -69.40 -45.66 -2.13
CA CYS B 19 -70.74 -46.39 1.36
CA HIS B 20 -71.44 -50.08 2.11
CA HIS B 21 -73.98 -49.66 -0.67
CA THR B 22 -72.34 -48.81 -3.99
CA VAL B 23 -74.49 -45.65 -4.09
CA PRO B 24 -72.59 -42.41 -3.26
CA CYS B 25 -73.57 -41.08 0.16
CA PHE B 26 -72.93 -38.23 2.57
CA SER B 27 -71.29 -39.94 5.50
CA PRO B 28 -68.53 -39.41 8.10
CA VAL B 29 -65.14 -41.05 7.62
CA LYS B 30 -65.03 -39.31 4.24
CA ILE B 31 -61.65 -39.92 2.65
CA GLU B 32 -60.13 -36.78 1.14
CA GLN B 33 -56.54 -37.83 0.39
CA VAL B 34 -54.14 -40.73 0.76
CA TRP B 35 -50.37 -41.04 0.68
CA ASP B 36 -48.59 -43.93 -0.98
CA GLU B 37 -45.08 -42.53 -1.08
CA ALA B 38 -43.05 -44.53 1.41
CA ASP B 39 -40.53 -47.19 0.44
CA ASP B 40 -42.07 -49.19 3.24
CA ASN B 41 -45.42 -50.79 2.49
CA THR B 42 -47.21 -48.26 4.70
CA ILE B 43 -50.10 -45.90 3.97
CA ARG B 44 -51.27 -42.54 5.31
CA ILE B 45 -55.02 -41.90 5.19
CA GLN B 46 -56.93 -38.64 5.74
CA THR B 47 -60.50 -39.00 7.04
CA SER B 48 -63.19 -36.65 8.35
CA ALA B 49 -63.70 -38.37 11.69
CA GLN B 50 -61.65 -37.53 14.78
CA PHE B 51 -59.82 -39.99 17.01
CA GLY B 52 -57.95 -40.04 20.32
CA TYR B 53 -60.80 -38.16 21.99
CA ASP B 54 -64.46 -38.53 22.93
CA GLN B 55 -67.40 -36.31 21.96
CA SER B 56 -65.56 -33.21 23.16
CA GLY B 57 -62.11 -32.11 24.30
CA ALA B 58 -59.07 -34.39 23.97
CA ALA B 59 -59.49 -37.75 25.73
CA SER B 60 -56.68 -40.13 24.83
CA ALA B 61 -56.07 -43.87 24.63
CA ASN B 62 -58.59 -45.57 22.33
CA LYS B 63 -61.56 -43.32 21.60
CA TYR B 64 -62.89 -41.55 18.50
CA ARG B 65 -65.78 -39.23 17.69
CA TYR B 66 -67.74 -38.31 14.59
CA MET B 67 -70.91 -36.63 13.33
CA SER B 68 -74.28 -38.39 13.34
CA LEU B 69 -76.25 -40.34 10.78
CA LYS B 70 -78.43 -37.23 10.68
CA GLN B 71 -77.39 -33.57 10.58
CA ASP B 72 -78.26 -32.88 14.25
CA HIS B 73 -74.62 -31.90 14.66
CA THR B 74 -74.75 -34.49 17.40
CA VAL B 75 -71.15 -35.48 17.98
CA LYS B 76 -71.45 -39.01 19.38
CA GLU B 77 -68.45 -41.15 20.25
CA GLY B 78 -67.42 -44.77 20.35
CA THR B 79 -64.34 -46.85 21.12
CA MET B 80 -61.18 -46.80 18.95
CA ASP B 81 -61.58 -50.53 18.92
CA ASP B 82 -64.28 -51.07 16.34
CA ILE B 83 -62.69 -48.98 13.59
CA LYS B 84 -60.99 -51.11 10.96
CA ILE B 85 -59.31 -50.37 7.63
CA SER B 86 -59.42 -52.49 4.49
CA THR B 87 -58.47 -52.32 0.83
CA SER B 88 -58.90 -55.76 -0.67
CA GLY B 89 -58.39 -57.68 2.55
CA PRO B 90 -57.33 -57.07 6.14
CA CYS B 91 -55.44 -53.98 7.28
CA ARG B 92 -54.00 -53.27 10.69
CA ARG B 93 -53.67 -49.66 11.74
CA LEU B 94 -50.65 -48.45 13.65
CA SER B 95 -51.15 -44.92 14.95
CA TYR B 96 -54.06 -42.48 15.27
CA LYS B 97 -53.47 -38.79 14.69
CA GLY B 98 -56.83 -37.10 15.17
CA TYR B 99 -58.06 -36.87 11.58
CA PHE B 100 -55.40 -39.15 10.13
CA LEU B 101 -54.82 -42.89 9.89
CA LEU B 102 -51.76 -44.98 9.08
CA ALA B 103 -51.56 -48.70 8.40
CA LYS B 104 -50.05 -51.38 6.15
CA CYS B 105 -52.65 -52.17 3.81
CA PRO B 106 -52.29 -55.54 1.44
CA PRO B 107 -52.84 -55.26 -2.32
CA GLY B 108 -54.59 -52.07 -3.39
CA ASP B 109 -57.20 -51.07 -5.96
CA SER B 110 -59.35 -49.01 -3.62
CA VAL B 111 -59.47 -48.04 0.05
CA THR B 112 -62.29 -48.43 2.57
CA VAL B 113 -62.47 -47.04 6.10
CA SER B 114 -65.41 -47.87 8.32
CA ILE B 115 -66.87 -48.65 11.74
CA VAL B 116 -68.52 -52.01 12.43
CA SER B 117 -70.06 -51.62 15.89
CA SER B 118 -72.41 -54.44 15.23
CA ASN B 119 -75.18 -55.04 12.69
CA SER B 120 -75.39 -51.39 11.60
CA ALA B 121 -72.43 -49.32 10.40
CA THR B 122 -71.18 -47.01 7.64
CA SER B 123 -68.08 -46.91 5.44
CA CYS B 124 -66.57 -44.57 2.85
CA THR B 125 -64.25 -45.99 0.20
CA LEU B 126 -61.84 -44.26 -2.14
CA ALA B 127 -60.85 -45.07 -5.66
CA ARG B 128 -57.07 -44.95 -5.16
CA LYS B 129 -54.57 -47.44 -6.58
CA ILE B 130 -51.83 -48.81 -4.31
CA LYS B 131 -48.89 -50.88 -5.46
CA PRO B 132 -46.62 -53.61 -4.11
CA LYS B 133 -43.56 -51.82 -2.77
CA PHE B 134 -41.39 -52.06 -6.01
CA VAL B 135 -38.04 -50.50 -5.21
CA GLY B 136 -35.24 -52.70 -6.50
CA ARG B 137 -34.50 -53.43 -10.13
CA GLU B 138 -36.41 -56.65 -9.63
CA LYS B 139 -40.18 -56.87 -9.75
CA TYR B 140 -41.73 -58.34 -6.62
CA ASP B 141 -45.14 -58.31 -4.98
CA LEU B 142 -43.91 -59.35 -1.57
CA PRO B 143 -40.57 -58.91 0.21
CA PRO B 144 -38.63 -62.16 -0.28
CA VAL B 145 -37.78 -64.26 2.77
CA HIS B 146 -34.17 -63.94 1.72
CA GLY B 147 -32.86 -61.26 -0.60
CA LYS B 148 -30.64 -58.23 -0.40
CA LYS B 149 -30.85 -55.15 1.80
CA ILE B 150 -31.26 -51.92 -0.12
CA PRO B 151 -31.63 -48.24 0.79
CA CYS B 152 -35.28 -47.22 0.71
CA THR B 153 -37.57 -44.85 2.59
CA VAL B 154 -40.68 -45.89 4.53
CA TYR B 155 -43.19 -44.78 7.19
CA ASP B 156 -42.43 -45.13 10.93
CA LEU B 255 -47.20 -28.62 12.17
CA HIS B 256 -46.53 -32.35 12.37
CA LEU B 257 -47.82 -35.39 14.29
CA PRO B 258 -48.02 -38.09 11.59
CA PHE B 259 -45.93 -41.23 10.98
CA LYS B 260 -42.72 -39.57 9.76
CA LEU B 261 -40.85 -40.78 6.67
CA ILE B 262 -37.46 -42.30 7.52
CA PRO B 263 -34.86 -43.80 5.17
CA SER B 264 -33.97 -47.42 5.98
CA THR B 265 -33.70 -50.89 4.44
CA CYS B 266 -36.08 -52.81 2.22
CA MET B 267 -35.41 -56.35 1.12
CA VAL B 268 -35.37 -56.68 -2.65
CA PRO B 269 -34.09 -61.47 -4.68
CA VAL B 270 -30.98 -62.37 -6.65
CA ALA B 271 -31.27 -63.85 -10.12
CA HIS B 272 -30.12 -67.19 -11.54
CA ALA B 273 -26.57 -66.56 -12.71
CA PRO B 274 -26.52 -66.47 -16.54
CA ASN B 275 -24.65 -69.30 -18.14
CA VAL B 276 -22.10 -67.26 -20.06
CA ILE B 277 -20.23 -68.27 -23.16
CA HIS B 278 -17.08 -66.45 -24.20
CA GLY B 279 -16.12 -66.49 -27.87
CA PHE B 280 -14.37 -64.49 -30.57
CA LYS B 281 -15.18 -60.93 -29.53
CA HIS B 282 -18.37 -62.51 -28.29
CA ILE B 283 -20.53 -63.13 -25.23
CA SER B 284 -23.75 -65.08 -25.60
CA LEU B 285 -25.68 -64.78 -22.35
CA GLN B 286 -27.92 -67.78 -21.67
CA LEU B 287 -30.54 -66.50 -19.21
CA ASP B 288 -33.35 -68.32 -17.41
CA THR B 289 -35.36 -66.39 -14.81
CA ASP B 290 -38.61 -67.10 -13.05
CA HIS B 291 -39.36 -63.39 -12.98
CA LEU B 292 -38.48 -59.97 -14.37
CA THR B 293 -34.81 -59.08 -14.26
CA LEU B 294 -33.20 -55.98 -15.72
CA LEU B 295 -30.19 -56.53 -17.95
CA THR B 296 -27.78 -53.70 -18.58
CA THR B 297 -24.69 -53.31 -20.70
CA ARG B 298 -22.19 -50.71 -21.82
CA ARG B 299 -18.82 -50.79 -23.48
CA LEU B 300 -15.69 -49.87 -21.56
CA GLY B 301 -14.28 -47.70 -24.35
CA ALA B 302 -15.78 -44.52 -25.76
CA ASN B 303 -19.01 -45.24 -27.57
CA PRO B 304 -20.51 -47.50 -24.84
CA GLU B 305 -23.78 -47.86 -26.74
CA PRO B 306 -25.45 -48.59 -23.38
CA THR B 307 -28.26 -51.17 -23.48
CA THR B 308 -31.05 -51.83 -21.03
CA GLU B 309 -33.76 -54.49 -21.30
CA TRP B 310 -36.03 -56.40 -18.95
CA ILE B 311 -36.07 -60.12 -19.53
CA VAL B 312 -38.20 -63.06 -18.44
CA GLY B 313 -37.93 -66.76 -18.75
CA LYS B 314 -35.60 -68.21 -21.31
CA THR B 315 -33.54 -66.49 -23.93
CA VAL B 316 -30.02 -65.93 -25.14
CA ARG B 317 -28.39 -62.59 -25.79
CA ASN B 318 -25.01 -62.18 -27.40
CA PHE B 319 -23.02 -58.92 -27.30
CA THR B 320 -20.19 -57.51 -29.03
CA VAL B 321 -16.64 -57.39 -27.09
CA ASP B 322 -15.22 -54.22 -28.66
CA ARG B 323 -11.68 -55.18 -27.68
CA ASP B 324 -12.06 -52.91 -24.66
CA GLY B 325 -14.45 -55.46 -23.20
CA LEU B 326 -17.74 -54.46 -21.62
CA GLU B 327 -19.65 -54.48 -18.37
CA TYR B 328 -22.98 -56.16 -17.78
CA ILE B 329 -25.20 -55.85 -14.71
CA TRP B 330 -27.92 -58.45 -14.54
CA GLY B 331 -30.82 -58.09 -12.13
CA ASN B 332 -29.24 -56.51 -9.03
CA HIS B 333 -26.32 -58.86 -9.36
CA GLU B 334 -23.07 -57.41 -9.22
CA PRO B 335 -21.82 -55.90 -12.11
CA VAL B 336 -19.33 -58.14 -13.92
CA ARG B 337 -17.39 -57.06 -16.95
CA VAL B 338 -15.80 -59.23 -19.59
CA TYR B 339 -12.87 -58.65 -21.92
CA ALA B 340 -11.30 -60.37 -24.93
CA TYR C 1 -52.43 -8.93 -29.65
CA GLU C 2 -48.84 -10.19 -29.57
CA HIS C 3 -46.32 -7.57 -30.69
CA ALA C 4 -42.62 -8.02 -31.43
CA THR C 5 -40.23 -5.06 -31.05
CA THR C 6 -36.58 -4.59 -30.04
CA VAL C 7 -35.89 -1.98 -27.39
CA PRO C 8 -32.35 -0.64 -26.92
CA ASN C 9 -31.06 -1.32 -23.40
CA VAL C 10 -30.60 2.17 -21.97
CA PRO C 11 -32.09 3.33 -18.66
CA GLN C 12 -34.74 6.11 -18.59
CA ILE C 13 -34.91 6.58 -22.37
CA PRO C 14 -38.46 5.87 -23.64
CA TYR C 15 -39.06 3.99 -26.88
CA LYS C 16 -41.99 5.14 -29.00
CA ALA C 17 -43.53 2.66 -31.43
CA LEU C 18 -46.80 2.11 -33.29
CA VAL C 19 -49.02 -0.94 -33.07
CA GLU C 20 -50.38 -1.61 -36.56
CA ARG C 21 -53.42 -3.90 -36.75
CA ALA C 22 -55.79 -4.46 -39.68
CA GLY C 23 -58.89 -2.31 -39.33
CA TYR C 24 -57.85 -1.37 -35.81
CA ALA C 25 -56.54 2.10 -34.95
CA PRO C 26 -52.83 2.56 -34.10
CA LEU C 27 -51.81 2.19 -30.46
CA ASN C 28 -49.98 4.38 -27.98
CA LEU C 29 -46.85 2.37 -27.14
CA GLU C 30 -43.93 3.67 -25.08
CA ILE C 31 -41.51 1.41 -23.21
CA THR C 32 -39.07 2.74 -20.64
CA VAL C 33 -36.40 0.41 -19.23
CA MET C 34 -36.39 2.03 -15.81
CA SER C 35 -33.72 -0.20 -14.35
CA SER C 36 -31.49 -3.03 -15.55
CA GLU C 37 -29.65 -5.42 -13.24
CA VAL C 38 -27.08 -7.98 -14.29
CA LEU C 39 -26.97 -10.69 -11.63
CA PRO C 40 -24.26 -13.33 -11.99
CA SER C 41 -23.78 -16.42 -9.80
CA THR C 42 -21.47 -16.06 -6.83
CA ASN C 43 -19.58 -19.04 -5.41
CA GLN C 44 -17.88 -17.45 -2.39
CA GLU C 45 -14.59 -19.30 -2.04
CA TYR C 46 -12.85 -17.99 1.08
CA ILE C 47 -12.39 -15.13 3.48
CA THR C 48 -9.02 -13.54 4.13
CA CYS C 49 -7.59 -10.85 6.34
CA LYS C 50 -4.75 -9.66 8.57
CA PHE C 51 -3.53 -12.80 10.33
CA THR C 52 -1.99 -12.85 13.78
CA THR C 53 0.93 -15.11 14.65
CA VAL C 54 0.84 -16.91 17.96
CA VAL C 55 4.06 -18.08 19.55
CA PRO C 56 3.70 -20.46 22.52
CA SER C 57 6.56 -20.56 25.03
CA PRO C 58 9.15 -22.97 23.62
CA LYS C 59 9.26 -26.43 25.14
CA ILE C 60 12.83 -27.17 26.22
CA LYS C 61 13.81 -30.43 27.96
CA CYS C 62 17.42 -30.03 29.75
CA CYS C 63 19.35 -33.10 28.60
CA GLY C 64 16.75 -34.45 26.19
CA SER C 65 16.00 -34.86 22.49
CA LEU C 66 13.04 -32.78 21.31
CA GLU C 67 12.04 -33.97 17.81
CA CYS C 68 8.87 -32.64 16.18
CA GLN C 69 5.55 -34.32 15.56
CA PRO C 70 3.28 -33.66 12.56
CA ALA C 71 1.18 -31.13 14.49
CA ALA C 72 -1.26 -29.82 11.88
CA HIS C 73 -3.23 -26.78 13.02
CA ALA C 74 -3.31 -23.67 10.82
CA ASP C 75 0.04 -22.12 9.91
CA TYR C 76 1.97 -24.34 12.30
CA THR C 77 5.75 -24.54 12.01
CA CYS C 78 8.23 -26.27 14.34
CA LYS C 79 11.99 -26.46 14.21
CA VAL C 80 14.30 -28.53 16.37
CA PHE C 81 17.29 -26.50 17.53
CA GLY C 82 20.10 -28.45 19.13
CA GLY C 83 22.86 -27.46 21.53
CA VAL C 84 21.22 -24.38 22.98
CA TYR C 85 21.61 -23.11 26.55
CA PRO C 86 24.33 -24.38 28.93
CA PHE C 87 24.20 -24.86 32.72
CA MET C 88 22.96 -22.62 35.51
CA TRP C 89 21.57 -19.47 33.85
CA GLY C 90 22.61 -18.41 30.35
CA GLY C 91 19.92 -20.24 28.63
CA ALA C 92 17.60 -21.85 31.20
CA GLN C 93 18.08 -23.80 34.41
CA CYS C 94 19.86 -26.85 33.00
CA PHE C 95 23.20 -28.53 33.72
CA CYS C 96 24.44 -29.80 30.35
CA ASP C 97 26.04 -27.84 27.52
CA SER C 98 25.96 -29.50 24.10
CA GLU C 99 23.19 -31.93 24.91
CA ASN C 100 20.38 -29.37 24.82
CA SER C 101 17.43 -28.87 22.49
CA GLN C 102 14.66 -26.35 21.96
CA MET C 103 11.56 -26.72 19.81
CA SER C 104 10.37 -23.50 18.24
CA GLU C 105 6.76 -23.68 17.12
CA ALA C 106 4.41 -21.01 15.82
CA TYR C 107 1.16 -20.73 13.87
CA VAL C 108 -1.21 -18.03 12.57
CA GLU C 109 -4.77 -17.06 13.55
CA LEU C 110 -7.22 -14.38 12.46
CA SER C 111 -6.92 -10.87 13.80
CA ALA C 112 -8.97 -9.77 16.78
CA ASP C 113 -10.54 -7.67 14.08
CA CYS C 114 -10.45 -10.01 11.04
CA ALA C 115 -14.21 -9.72 11.07
CA SER C 116 -14.49 -5.95 10.83
CA ASP C 117 -12.02 -5.75 7.91
CA HIS C 118 -11.61 -8.63 5.48
CA ALA C 119 -12.14 -9.49 1.85
CA GLN C 120 -14.02 -12.17 -0.02
CA ALA C 121 -12.59 -14.32 -2.77
CA ILE C 122 -15.47 -15.02 -5.10
CA LYS C 123 -15.93 -16.98 -8.30
CA VAL C 124 -18.36 -15.52 -10.81
CA HIS C 125 -20.17 -17.56 -13.43
CA THR C 126 -22.83 -16.96 -16.05
CA ALA C 127 -25.48 -14.39 -15.15
CA ALA C 128 -29.10 -13.46 -15.56
CA MET C 129 -30.52 -9.96 -15.95
CA LYS C 130 -33.79 -8.51 -14.71
CA VAL C 131 -35.26 -5.33 -16.22
CA GLY C 132 -37.66 -2.83 -14.65
CA LEU C 133 -39.88 -2.04 -17.59
CA ARG C 134 -42.63 0.53 -17.82
CA ILE C 135 -44.98 0.14 -20.76
CA VAL C 136 -47.84 2.49 -21.59
CA TYR C 137 -50.66 1.58 -23.97
CA GLY C 138 -53.52 3.94 -24.73
CA ASN C 139 -55.02 5.44 -21.57
CA THR C 140 -53.28 2.96 -19.24
CA THR C 141 -49.67 2.57 -18.08
CA SER C 142 -48.29 -0.63 -16.56
CA PHE C 143 -44.94 -2.02 -15.46
CA LEU C 144 -43.39 -5.44 -14.92
CA ASP C 145 -39.98 -6.77 -13.93
CA VAL C 146 -38.79 -9.32 -16.43
CA TYR C 147 -35.80 -11.65 -16.70
CA VAL C 148 -34.08 -11.57 -20.06
CA ASN C 149 -34.45 -14.97 -21.70
CA GLY C 150 -36.83 -16.18 -24.39
CA VAL C 151 -38.82 -17.89 -21.64
CA THR C 152 -39.85 -16.35 -18.32
CA PRO C 153 -42.85 -14.01 -18.58
CA GLY C 154 -43.19 -11.29 -15.94
CA THR C 155 -46.64 -12.22 -14.64
CA SER C 156 -47.84 -8.61 -14.71
CA LYS C 157 -51.45 -9.43 -13.81
CA ASP C 158 -52.76 -8.37 -17.22
CA LEU C 159 -50.16 -8.25 -19.96
CA LYS C 160 -47.71 -11.04 -20.83
CA VAL C 161 -44.25 -9.57 -21.49
CA ILE C 162 -41.47 -12.05 -22.22
CA ALA C 163 -38.12 -10.36 -22.84
CA GLY C 164 -36.12 -12.27 -25.43
CA PRO C 165 -32.43 -13.12 -24.95
CA ILE C 166 -30.20 -10.04 -24.81
CA SER C 167 -28.33 -9.27 -28.06
CA ALA C 168 -24.78 -9.51 -26.65
CA SER C 169 -23.72 -11.41 -23.56
CA PHE C 170 -21.62 -8.87 -21.66
CA THR C 171 -20.34 -8.83 -18.10
CA PRO C 172 -18.28 -6.29 -16.13
CA PHE C 173 -16.77 -9.16 -14.15
CA ASP C 174 -14.07 -11.83 -14.52
CA HIS C 175 -14.42 -15.44 -13.39
CA LYS C 176 -12.61 -14.41 -10.21
CA VAL C 177 -13.44 -11.26 -8.26
CA VAL C 178 -12.55 -9.86 -4.86
CA ILE C 179 -14.97 -7.93 -2.72
CA HIS C 180 -13.40 -5.80 -0.03
CA ARG C 181 -15.61 -3.30 1.73
CA GLY C 182 -18.39 -2.27 -0.61
CA LEU C 183 -15.90 -2.56 -3.36
CA VAL C 184 -15.27 -5.20 -5.93
CA TYR C 185 -12.10 -5.73 -7.97
CA ASN C 186 -11.37 -8.15 -10.79
CA TYR C 187 -8.50 -10.10 -9.17
CA ASP C 188 -7.25 -13.62 -9.98
CA PHE C 189 -6.93 -14.73 -6.33
CA PRO C 190 -5.48 -18.21 -5.91
CA GLU C 191 -7.63 -21.30 -5.45
CA TYR C 192 -8.56 -22.32 -1.94
CA GLY C 193 -5.59 -24.36 -0.83
CA ALA C 194 -2.88 -23.22 -3.23
CA MET C 195 -1.78 -20.11 -1.38
CA LYS C 196 1.35 -18.03 -1.85
CA PRO C 197 2.53 -16.03 1.17
CA GLY C 198 2.69 -12.24 1.31
CA ALA C 199 0.44 -12.18 -1.77
CA PHE C 200 -3.36 -11.91 -1.62
CA GLY C 201 -4.97 -14.90 -0.01
CA ASP C 202 -1.95 -15.86 2.06
CA ILE C 203 -4.38 -17.16 4.68
CA GLN C 204 -7.77 -18.65 3.77
CA ALA C 205 -11.01 -19.64 5.46
CA THR C 206 -14.42 -20.76 4.19
CA SER C 207 -16.43 -18.45 6.45
CA LEU C 208 -15.69 -15.77 9.05
CA THR C 209 -16.45 -18.31 11.78
CA SER C 210 -12.80 -19.29 11.41
CA LYS C 211 -13.80 -22.58 9.48
CA ASP C 212 -10.81 -25.03 8.71
CA LEU C 213 -8.51 -22.11 7.84
CA ILE C 214 -5.35 -22.85 5.86
CA ALA C 215 -2.43 -20.41 5.85
CA SER C 216 1.00 -20.21 4.22
CA THR C 217 3.02 -17.26 5.59
CA ASP C 218 6.71 -18.20 5.11
CA ILE C 219 7.46 -18.31 8.82
CA ARG C 220 11.10 -18.95 9.55
CA LEU C 221 12.43 -20.02 12.93
CA LEU C 222 15.81 -18.85 14.13
CA LYS C 223 18.27 -20.49 16.49
CA PRO C 224 17.83 -18.51 19.71
CA SER C 225 20.90 -17.05 21.43
CA ALA C 226 21.73 -17.97 25.02
CA LYS C 227 20.97 -15.13 27.41
CA ASN C 228 17.17 -15.43 27.49
CA VAL C 229 14.46 -17.86 26.45
CA HIS C 230 13.17 -15.92 23.48
CA VAL C 231 11.92 -17.54 20.29
CA PRO C 232 13.07 -15.68 17.14
CA TYR C 233 11.32 -15.89 13.79
CA THR C 234 11.02 -14.10 10.47
CA GLN C 235 7.85 -14.28 8.45
CA ALA C 236 6.33 -12.93 5.30
CA SER C 237 4.26 -9.79 4.98
CA SER C 238 0.47 -9.68 5.29
CA GLY C 239 -0.66 -10.55 1.77
CA PHE C 240 -3.87 -8.79 2.69
CA GLU C 241 -2.61 -5.40 3.82
CA MET C 242 -0.24 -5.85 0.91
CA TRP C 243 -3.10 -6.23 -1.51
CA LYS C 244 -4.98 -3.38 0.16
CA ASN C 245 -2.12 -0.87 -0.42
CA ASN C 246 -2.17 -2.10 -3.98
CA SER C 247 -5.83 -2.74 -4.68
CA GLY C 248 -6.74 -0.88 -7.81
CA ARG C 249 -9.48 1.53 -8.49
CA PRO C 250 -12.73 -0.46 -7.85
CA LEU C 251 -14.87 -1.79 -10.66
CA GLN C 252 -17.59 0.64 -9.64
CA GLU C 253 -15.09 3.08 -11.14
CA THR C 254 -13.84 1.11 -14.13
CA ALA C 255 -16.99 -0.66 -15.36
CA PRO C 256 -16.91 -0.92 -19.21
CA PHE C 257 -20.46 0.34 -19.94
CA GLY C 258 -21.21 2.89 -17.27
CA CYS C 259 -22.49 0.12 -15.02
CA LYS C 260 -23.11 0.95 -11.37
CA ILE C 261 -21.54 -2.04 -9.57
CA ALA C 262 -23.34 -3.15 -6.40
CA VAL C 263 -22.66 -5.42 -3.41
CA ASN C 264 -24.64 -7.40 -1.56
CA PRO C 265 -26.16 -9.25 -4.40
CA LEU C 266 -23.22 -8.94 -6.82
CA ARG C 267 -24.82 -6.84 -9.56
CA ALA C 268 -24.26 -4.41 -12.43
CA VAL C 269 -27.01 -1.79 -12.05
CA ASP C 270 -28.10 0.22 -15.08
CA CYS C 271 -25.56 -0.81 -17.68
CA SER C 272 -26.21 0.30 -21.26
CA TYR C 273 -25.48 -1.95 -24.21
CA GLY C 274 -27.28 -3.82 -26.97
CA ASN C 275 -30.98 -4.14 -27.68
CA ILE C 276 -33.60 -6.23 -25.89
CA PRO C 277 -36.10 -8.17 -27.95
CA ILE C 278 -39.53 -7.78 -26.38
CA SER C 279 -42.83 -9.56 -26.99
CA ILE C 280 -45.95 -7.85 -25.69
CA ASP C 281 -49.52 -9.18 -25.31
CA ILE C 282 -51.98 -6.26 -25.46
CA PRO C 283 -55.42 -7.09 -24.04
CA ASN C 284 -58.02 -6.47 -26.75
CA ALA C 285 -59.95 -4.77 -23.95
CA ALA C 286 -58.48 -1.33 -24.63
CA PHE C 287 -56.60 -0.73 -27.87
CA ILE C 288 -59.46 0.56 -29.99
CA ARG C 289 -60.78 -0.53 -33.40
CA THR C 290 -61.55 2.09 -36.08
CA SER C 291 -65.14 2.89 -35.11
CA ASP C 292 -64.26 6.16 -33.37
CA ALA C 293 -62.38 8.89 -35.25
CA PRO C 294 -67.47 10.74 -32.40
CA LEU C 295 -65.96 11.59 -35.79
CA VAL C 296 -62.53 13.03 -36.57
CA SER C 297 -61.35 14.31 -39.95
CA THR C 298 -58.65 16.42 -41.59
CA VAL C 299 -55.25 16.77 -39.93
CA LYS C 300 -52.43 18.90 -41.35
CA CYS C 301 -49.09 19.65 -39.73
CA GLU C 302 -47.28 22.98 -39.30
CA VAL C 303 -43.97 23.46 -37.47
CA SER C 304 -43.47 26.79 -35.69
CA GLU C 305 -39.94 26.44 -34.31
CA CYS C 306 -37.25 23.75 -34.19
CA THR C 307 -33.76 23.09 -32.84
CA TYR C 308 -31.47 20.30 -34.05
CA SER C 309 -30.35 17.61 -31.56
CA ALA C 310 -31.83 19.20 -28.43
CA ASP C 311 -33.91 17.72 -25.61
CA PHE C 312 -37.22 19.07 -26.94
CA GLY C 313 -36.59 22.01 -29.26
CA GLY C 314 -39.30 21.00 -31.70
CA MET C 315 -42.59 22.91 -31.85
CA ALA C 316 -45.42 21.93 -34.21
CA THR C 317 -49.15 22.63 -34.35
CA LEU C 318 -52.01 20.62 -35.84
CA GLN C 319 -55.10 22.12 -37.45
CA TYR C 320 -58.13 19.91 -38.02
CA VAL C 321 -61.89 19.50 -37.58
CA SER C 322 -63.53 17.38 -34.88
CA ASP C 323 -67.19 16.49 -34.27
CA ARG C 324 -66.85 16.74 -30.48
CA GLU C 325 -64.33 16.78 -27.64
CA GLY C 326 -62.22 13.82 -26.55
CA GLN C 327 -58.69 12.59 -25.86
CA CYS C 328 -56.31 11.57 -28.65
CA PRO C 329 -52.99 9.68 -28.40
CA VAL C 330 -50.33 11.44 -30.49
CA HIS C 331 -47.35 9.47 -31.76
CA SER C 332 -44.71 9.45 -34.51
CA HIS C 333 -44.50 6.62 -37.07
CA SER C 334 -40.85 7.31 -37.90
CA SER C 335 -37.79 7.16 -35.65
CA THR C 336 -36.43 10.33 -37.27
CA ALA C 337 -38.41 12.16 -34.58
CA THR C 338 -40.21 11.53 -31.29
CA LEU C 339 -42.91 13.43 -29.40
CA GLN C 340 -42.59 14.71 -25.83
CA GLU C 341 -46.23 13.88 -25.17
CA SER C 342 -48.32 10.88 -26.19
CA THR C 343 -51.83 12.20 -25.47
CA VAL C 344 -53.66 15.44 -26.30
CA HIS C 345 -56.99 17.03 -25.31
CA VAL C 346 -58.70 17.52 -28.65
CA LEU C 347 -61.13 20.44 -28.62
CA GLU C 348 -63.48 21.77 -31.29
CA LYS C 349 -61.14 24.70 -31.95
CA GLY C 350 -59.09 22.59 -34.34
CA ALA C 351 -55.69 23.54 -32.97
CA VAL C 352 -53.24 21.25 -31.17
CA THR C 353 -49.75 22.34 -30.12
CA VAL C 354 -47.14 19.61 -29.58
CA HIS C 355 -43.44 19.45 -28.65
CA PHE C 356 -40.99 17.04 -30.27
CA SER C 357 -37.30 16.13 -30.33
CA THR C 358 -35.03 15.33 -33.28
CA ALA C 359 -31.42 15.25 -34.47
CA SER C 360 -31.57 16.26 -38.12
CA PRO C 361 -31.58 19.42 -40.29
CA GLN C 362 -34.53 18.76 -42.61
CA ALA C 363 -36.50 15.86 -41.14
CA ASN C 364 -39.53 14.02 -42.52
CA PHE C 365 -41.88 12.29 -40.09
CA ILE C 366 -45.47 11.03 -40.08
CA VAL C 367 -47.30 12.25 -36.97
CA SER C 368 -50.57 10.58 -35.98
CA LEU C 369 -53.57 11.85 -34.04
CA CYS C 370 -56.33 9.59 -32.76
CA GLY C 371 -56.84 7.74 -36.03
CA LYS C 372 -55.67 10.29 -38.60
CA LYS C 373 -52.14 10.73 -39.95
CA THR C 374 -50.16 13.56 -41.56
CA THR C 375 -46.67 14.73 -42.48
CA CYS C 376 -44.54 17.49 -40.93
CA ASN C 377 -41.57 19.53 -42.12
CA ALA C 378 -39.09 22.21 -41.05
CA GLU C 379 -35.42 23.16 -40.93
CA CYS C 380 -33.43 22.96 -37.68
CA PHE D 6 -10.50 -17.51 36.73
CA THR D 7 -7.09 -17.88 37.00
CA LEU D 8 -4.82 -20.83 36.30
CA THR D 9 -1.84 -18.76 35.21
CA SER D 10 0.11 -15.81 36.66
CA PRO D 11 1.94 -12.68 35.36
CA TYR D 12 5.46 -13.22 34.00
CA LEU D 13 8.52 -11.09 33.21
CA GLY D 14 9.86 -10.26 29.77
CA THR D 15 12.88 -8.56 28.27
CA CYS D 16 12.02 -5.05 27.07
CA SER D 17 13.93 -2.49 25.00
CA TYR D 18 13.00 0.71 26.87
CA CYS D 19 11.82 1.06 30.48
CA HIS D 20 11.46 4.65 31.77
CA HIS D 21 15.20 4.72 31.13
CA THR D 22 16.06 4.22 27.46
CA VAL D 23 18.18 1.22 28.50
CA PRO D 24 16.57 -2.19 27.73
CA CYS D 25 15.41 -3.91 30.92
CA PHE D 26 13.77 -7.07 32.20
CA SER D 27 10.49 -5.84 33.59
CA PRO D 28 6.82 -6.85 33.87
CA VAL D 29 4.26 -5.32 31.51
CA LYS D 30 6.44 -6.62 28.67
CA ILE D 31 4.69 -5.97 25.38
CA GLU D 32 4.80 -8.96 23.03
CA GLN D 33 2.32 -8.00 20.30
CA VAL D 34 -0.12 -5.30 19.31
CA TRP D 35 -3.06 -5.17 16.91
CA ASP D 36 -3.79 -2.18 14.74
CA GLU D 37 -6.30 -3.73 12.37
CA ALA D 38 -9.65 -2.18 13.20
CA ASP D 39 -11.36 0.46 11.06
CA ASP D 40 -12.09 2.16 14.34
CA ASN D 41 -9.20 4.00 15.96
CA THR D 42 -8.85 1.30 18.63
CA ILE D 43 -5.86 -0.79 19.67
CA ARG D 44 -5.38 -4.24 21.19
CA ILE D 45 -2.29 -4.67 23.40
CA GLN D 46 -0.74 -7.88 24.77
CA THR D 47 1.22 -7.52 28.03
CA SER D 48 2.81 -9.87 30.55
CA ALA D 49 0.97 -8.58 33.60
CA GLN D 50 -2.43 -9.92 34.68
CA PHE D 51 -5.52 -7.86 35.45
CA GLY D 52 -9.01 -8.34 36.89
CA TYR D 53 -7.58 -10.28 39.82
CA ASP D 54 -5.33 -9.85 42.85
CA GLN D 55 -2.17 -11.77 43.76
CA SER D 56 -3.98 -15.09 43.34
CA GLY D 57 -7.24 -16.49 42.01
CA ALA D 58 -9.69 -14.35 40.04
CA ALA D 59 -10.85 -11.23 41.90
CA SER D 60 -12.78 -8.90 39.62
CA ALA D 61 -13.58 -5.19 39.35
CA ASN D 62 -10.41 -3.09 39.25
CA LYS D 63 -7.37 -5.08 40.36
CA TYR D 64 -4.22 -6.36 38.64
CA ARG D 65 -1.19 -8.41 39.64
CA TYR D 66 2.35 -8.82 38.37
CA MET D 67 5.80 -10.16 39.23
CA SER D 68 8.22 -8.25 41.45
CA LEU D 69 11.10 -5.89 40.83
CA LYS D 70 13.23 -8.85 41.88
CA GLN D 71 12.92 -12.51 40.89
CA ASP D 72 11.44 -13.62 44.24
CA HIS D 73 8.46 -14.84 42.23
CA THR D 74 6.58 -12.61 44.64
CA VAL D 75 3.29 -11.89 42.93
CA LYS D 76 2.25 -8.57 44.46
CA GLU D 77 -0.89 -6.70 43.43
CA GLY D 78 -2.18 -3.17 43.13
CA THR D 79 -5.32 -1.38 41.96
CA MET D 80 -6.45 -1.30 38.30
CA ASP D 81 -6.57 2.42 38.80
CA ASP D 82 -2.95 3.43 38.49
CA ILE D 83 -2.26 1.63 35.22
CA LYS D 84 -2.23 3.99 32.26
CA ILE D 85 -1.43 3.61 28.55
CA SER D 86 0.32 6.12 26.33
CA THR D 87 1.84 6.38 22.87
CA SER D 88 2.68 10.01 22.21
CA GLY D 89 0.09 11.46 24.54
CA PRO D 90 -2.87 10.35 26.64
CA CYS D 91 -4.67 7.04 26.15
CA ARG D 92 -7.80 5.82 27.86
CA ARG D 93 -8.27 2.10 28.22
CA LEU D 94 -11.65 0.51 27.75
CA SER D 95 -11.64 -3.15 28.82
CA TYR D 96 -9.26 -5.44 30.70
CA LYS D 97 -8.94 -9.06 29.62
CA GLY D 98 -6.39 -10.63 31.96
CA TYR D 99 -3.21 -10.34 29.90
CA PHE D 100 -4.67 -8.02 27.29
CA LEU D 101 -5.43 -4.31 27.00
CA LEU D 102 -7.58 -2.29 24.63
CA ALA D 103 -7.77 1.47 24.23
CA LYS D 104 -7.90 4.34 21.72
CA CYS D 105 -4.52 5.57 21.57
CA PRO D 106 -3.77 9.19 19.75
CA PRO D 107 -0.99 9.42 17.12
CA GLY D 108 1.41 6.49 17.15
CA ASP D 109 5.13 5.97 16.69
CA SER D 110 5.65 3.73 19.71
CA VAL D 111 3.61 2.30 22.58
CA THR D 112 4.23 2.49 26.33
CA VAL D 113 2.38 0.68 29.08
CA SER D 114 3.22 1.35 32.71
CA ILE D 115 2.19 1.75 36.35
CA VAL D 116 2.64 5.07 38.14
CA SER D 117 1.79 4.31 41.76
CA SER D 118 3.70 7.31 42.92
CA ASN D 119 7.35 8.36 42.70
CA SER D 120 8.60 4.91 41.71
CA ALA D 121 7.27 2.87 38.78
CA THR D 122 8.25 0.88 35.70
CA SER D 123 7.18 0.90 32.04
CA CYS D 124 7.86 -1.15 28.92
CA THR D 125 7.50 0.48 25.51
CA LEU D 126 7.26 -1.04 22.07
CA ALA D 127 8.54 0.17 18.76
CA ARG D 128 5.28 -0.20 16.80
CA LYS D 129 3.88 2.32 14.31
CA ILE D 130 0.20 3.24 14.49
CA LYS D 131 -1.65 5.29 11.91
CA PRO D 132 -4.57 7.72 11.74
CA LYS D 133 -7.58 5.62 10.77
CA PHE D 134 -8.24 7.92 9.21
CA VAL D 135 -10.98 6.24 7.24
CA GLY D 136 -12.38 8.64 4.66
CA ARG D 137 -10.51 10.01 1.68
CA GLU D 138 -9.88 13.08 3.78
CA LYS D 139 -7.14 13.32 6.36
CA TYR D 140 -8.37 14.20 9.83
CA ASP D 141 -7.04 13.88 13.37
CA LEU D 142 -10.40 14.28 15.04
CA PRO D 143 -13.96 13.54 13.90
CA PRO D 144 -15.41 16.82 12.62
CA VAL D 145 -18.38 18.34 14.45
CA HIS D 146 -20.20 18.21 11.15
CA GLY D 147 -19.21 16.00 8.25
CA LYS D 148 -20.56 12.98 6.45
CA LYS D 149 -21.54 9.55 7.74
CA ILE D 150 -19.51 6.72 6.26
CA PRO D 151 -19.42 2.94 6.68
CA CYS D 152 -16.62 1.94 9.04
CA THR D 153 -15.98 -0.74 11.65
CA VAL D 154 -15.21 -0.06 15.33
CA TYR D 155 -15.11 -1.63 18.82
CA ASP D 156 -18.26 -1.95 20.95
CA LEU D 255 -13.64 -18.43 23.04
CA HIS D 256 -14.73 -14.79 23.19
CA LEU D 257 -15.50 -12.15 25.83
CA PRO D 258 -13.84 -9.01 24.42
CA PHE D 259 -15.30 -5.80 22.93
CA LYS D 260 -16.55 -7.22 19.62
CA LEU D 261 -15.93 -5.47 16.30
CA ILE D 262 -19.12 -4.13 14.72
CA PRO D 263 -19.56 -2.23 11.45
CA SER D 264 -21.20 1.20 11.86
CA THR D 265 -20.77 4.88 11.04
CA CYS D 266 -17.78 7.17 11.39
CA MET D 267 -17.95 10.85 10.61
CA VAL D 268 -15.43 11.85 7.97
CA PRO D 269 -15.67 16.08 4.68
CA VAL D 270 -17.26 17.21 1.44
CA ALA D 271 -15.23 19.12 -1.13
CA HIS D 272 -15.69 22.60 -2.59
CA ALA D 273 -17.95 22.11 -5.59
CA PRO D 274 -15.91 22.51 -8.79
CA ASN D 275 -16.82 25.52 -10.86
CA VAL D 276 -17.75 23.72 -14.05
CA ILE D 277 -17.69 25.11 -17.55
CA HIS D 278 -19.62 23.41 -20.34
CA GLY D 279 -18.43 23.93 -23.90
CA PHE D 280 -18.29 22.27 -27.30
CA LYS D 281 -17.91 18.61 -26.37
CA HIS D 282 -16.02 20.04 -23.42
CA ILE D 283 -15.93 20.27 -19.65
CA SER D 284 -13.19 22.27 -17.97
CA LEU D 285 -13.32 21.58 -14.24
CA GLN D 286 -12.04 24.47 -12.15
CA LEU D 287 -11.10 22.91 -8.80
CA ASP D 288 -9.87 24.50 -5.57
CA THR D 289 -9.45 22.26 -2.52
CA ASP D 290 -7.76 22.76 0.81
CA HIS D 291 -6.89 19.07 0.88
CA LEU D 292 -6.61 15.86 -1.10
CA THR D 293 -9.67 14.95 -3.12
CA LEU D 294 -10.00 12.04 -5.53
CA LEU D 295 -11.33 12.85 -8.97
CA THR D 296 -12.79 10.11 -11.11
CA THR D 297 -14.19 9.98 -14.60
CA ARG D 298 -15.47 7.53 -17.18
CA ARG D 299 -17.40 7.81 -20.40
CA LEU D 300 -20.98 6.63 -20.62
CA GLY D 301 -20.48 4.82 -23.92
CA ALA D 302 -18.24 1.87 -24.61
CA ASN D 303 -14.60 2.83 -24.26
CA PRO D 304 -15.00 4.72 -20.94
CA GLU D 305 -11.26 5.34 -20.67
CA PRO D 306 -11.74 5.66 -16.90
CA THR D 307 -9.54 8.22 -15.17
CA THR D 308 -8.59 8.58 -11.53
CA GLU D 309 -6.37 11.28 -10.00
CA TRP D 310 -5.89 12.89 -6.60
CA ILE D 311 -5.82 16.64 -6.67
CA VAL D 312 -4.85 19.44 -4.31
CA GLY D 313 -5.19 23.14 -4.32
CA LYS D 314 -5.85 24.90 -7.58
CA THR D 315 -6.02 23.51 -11.06
CA VAL D 316 -8.26 23.10 -14.06
CA ARG D 317 -9.02 19.86 -15.84
CA ASN D 318 -10.94 19.64 -19.07
CA PHE D 319 -12.42 16.38 -20.42
CA THR D 320 -13.72 15.18 -23.55
CA VAL D 321 -17.74 14.79 -23.91
CA ASP D 322 -17.85 11.85 -26.31
CA ARG D 323 -21.41 12.66 -27.35
CA ASP D 324 -22.56 10.02 -24.87
CA GLY D 325 -21.54 12.38 -22.09
CA LEU D 326 -19.58 11.20 -19.07
CA GLU D 327 -19.75 10.82 -15.33
CA TYR D 328 -17.42 12.43 -12.82
CA ILE D 329 -17.22 11.75 -9.10
CA TRP D 330 -15.23 14.32 -7.20
CA GLY D 331 -14.08 13.66 -3.64
CA ASN D 332 -16.98 11.69 -2.11
CA HIS D 333 -19.42 14.05 -3.74
CA GLU D 334 -22.09 12.57 -5.56
CA PRO D 335 -21.45 11.45 -8.80
CA VAL D 336 -22.72 13.87 -11.43
CA ARG D 337 -22.61 13.18 -15.12
CA VAL D 338 -22.66 15.66 -17.96
CA TYR D 339 -23.80 15.37 -21.57
CA ALA D 340 -23.60 17.45 -24.74
CA TYR E 1 65.97 -33.51 -6.23
CA GLU E 2 65.21 -29.95 -7.31
CA HIS E 3 61.90 -29.64 -9.18
CA ALA E 4 60.54 -26.63 -11.06
CA THR E 5 56.75 -26.19 -11.47
CA THR E 6 54.34 -23.26 -11.69
CA VAL E 7 51.34 -23.36 -9.39
CA PRO E 8 48.33 -21.13 -10.08
CA ASN E 9 47.66 -18.78 -7.17
CA VAL E 10 44.23 -19.86 -5.96
CA PRO E 11 43.43 -20.78 -2.34
CA GLN E 12 42.42 -24.36 -1.42
CA ILE E 13 42.75 -25.78 -4.93
CA PRO E 14 45.36 -28.60 -5.00
CA TYR E 15 47.80 -28.96 -7.88
CA LYS E 16 48.68 -32.50 -8.94
CA ALA E 17 51.97 -33.07 -10.75
CA LEU E 18 54.41 -35.90 -11.46
CA VAL E 19 58.07 -35.99 -10.55
CA GLU E 20 59.92 -37.68 -13.41
CA ARG E 21 63.42 -38.94 -12.61
CA ALA E 22 65.59 -41.32 -14.63
CA GLY E 23 65.29 -44.87 -13.30
CA TYR E 24 63.36 -43.57 -10.29
CA ALA E 25 59.62 -44.15 -9.90
CA PRO E 26 57.22 -41.18 -10.28
CA LEU E 27 56.39 -39.18 -7.17
CA ASN E 28 53.19 -38.20 -5.42
CA LEU E 29 53.16 -34.40 -5.62
CA GLU E 30 50.24 -32.20 -4.60
CA ILE E 31 50.61 -28.54 -3.61
CA THR E 32 47.81 -26.59 -1.96
CA VAL E 33 48.18 -22.83 -1.50
CA MET E 34 46.23 -22.75 1.73
CA SER E 35 46.52 -19.01 2.25
CA SER E 36 47.98 -16.06 0.39
CA GLU E 37 48.68 -12.68 1.99
CA VAL E 38 49.73 -9.54 0.17
CA LEU E 39 51.50 -7.27 2.64
CA PRO E 40 52.42 -3.79 1.42
CA SER E 41 54.42 -1.17 3.33
CA THR E 42 52.45 1.31 5.38
CA ASN E 43 53.77 4.80 6.12
CA GLN E 44 51.05 6.12 8.44
CA GLU E 45 50.88 9.85 7.71
CA TYR E 46 48.38 11.41 10.10
CA ILE E 47 45.32 10.89 12.24
CA THR E 48 42.16 12.91 11.77
CA CYS E 49 38.78 13.23 13.41
CA LYS E 50 35.96 15.47 14.61
CA PHE E 51 37.70 18.60 15.88
CA THR E 52 36.38 20.81 18.64
CA THR E 53 36.65 24.59 18.53
CA VAL E 54 37.66 26.38 21.68
CA VAL E 55 36.76 30.01 22.16
CA PRO E 56 38.44 31.82 25.08
CA SER E 57 36.65 34.85 26.53
CA PRO E 58 37.61 37.82 24.35
CA LYS E 59 40.23 40.17 25.75
CA ILE E 60 38.86 43.72 25.62
CA LYS E 61 40.82 46.72 26.94
CA CYS E 62 38.36 49.88 27.48
CA CYS E 63 40.17 52.75 25.76
CA GLY E 64 43.04 50.73 24.31
CA SER E 65 44.39 49.33 21.05
CA LEU E 66 44.33 45.53 20.89
CA GLU E 67 46.44 44.42 17.89
CA CYS E 68 47.19 40.73 17.38
CA GLN E 69 50.41 38.79 17.84
CA PRO E 70 51.50 35.81 15.75
CA ALA E 71 50.10 33.30 18.24
CA ALA E 72 50.66 29.94 16.56
CA HIS E 73 48.91 27.04 18.29
CA ALA E 74 46.69 24.72 16.24
CA ASP E 75 43.84 26.32 14.31
CA TYR E 76 44.34 29.71 15.94
CA THR E 77 42.63 32.76 14.45
CA CYS E 78 42.45 36.30 15.85
CA LYS E 79 40.72 39.38 14.52
CA VAL E 80 40.93 42.92 15.81
CA PHE E 81 37.52 44.54 15.96
CA GLY E 82 37.46 48.28 16.56
CA GLY E 83 34.83 50.61 17.95
CA VAL E 84 32.80 48.05 19.86
CA TYR E 85 30.94 48.67 23.12
CA PRO E 86 30.22 52.17 24.49
CA PHE E 87 30.06 53.35 28.11
CA MET E 88 28.30 51.93 31.17
CA TRP E 89 26.63 48.68 30.04
CA GLY E 90 25.81 48.00 26.40
CA GLY E 91 29.00 46.34 25.64
CA ALA E 92 31.10 46.05 28.81
CA GLN E 93 31.96 48.35 31.68
CA CYS E 94 33.88 51.02 29.77
CA PHE E 95 33.49 54.78 29.38
CA CYS E 96 34.51 55.54 25.80
CA ASP E 97 32.52 54.99 22.59
CA SER E 98 34.55 54.89 19.38
CA GLU E 99 37.86 54.19 21.04
CA ASN E 100 37.14 50.55 21.86
CA SER E 101 38.61 47.29 20.60
CA GLN E 102 37.97 43.57 21.00
CA MET E 103 40.22 40.70 19.96
CA SER E 104 38.36 37.61 18.86
CA GLU E 105 40.53 34.51 18.97
CA ALA E 106 39.68 30.84 18.49
CA TYR E 107 41.42 27.55 17.69
CA VAL E 108 40.56 23.87 17.24
CA GLU E 109 41.37 20.78 19.31
CA LEU E 110 40.54 17.08 19.08
CA SER E 111 37.18 15.81 20.26
CA ALA E 112 36.78 14.41 23.74
CA ASP E 113 36.26 11.28 21.69
CA CYS E 114 38.71 11.78 18.78
CA ALA E 115 40.37 8.62 20.02
CA SER E 116 37.36 6.32 19.90
CA ASP E 117 36.44 7.39 16.33
CA HIS E 118 39.09 8.59 13.89
CA ALA E 119 40.70 7.63 10.63
CA GLN E 120 44.23 7.05 9.45
CA ALA E 121 45.80 8.59 6.38
CA ILE E 122 48.24 6.02 5.11
CA LYS E 123 50.68 5.83 2.22
CA VAL E 124 51.09 2.41 0.63
CA HIS E 125 54.18 1.35 -1.27
CA THR E 126 55.47 -1.83 -2.90
CA ALA E 127 54.48 -5.07 -1.19
CA ALA E 128 55.60 -8.58 -0.41
CA MET E 129 53.42 -11.69 -0.31
CA LYS E 130 53.63 -14.74 1.93
CA VAL E 131 51.95 -18.02 0.97
CA GLY E 132 50.78 -20.85 3.24
CA LEU E 133 51.74 -23.84 1.16
CA ARG E 134 50.99 -27.49 1.84
CA ILE E 135 53.02 -29.97 -0.18
CA VAL E 136 52.62 -33.73 -0.05
CA TYR E 137 55.22 -36.16 -1.40
CA GLY E 138 54.81 -39.91 -1.19
CA ASN E 139 53.75 -41.04 2.29
CA THR E 140 54.58 -37.69 3.92
CA THR E 141 52.88 -34.28 3.87
CA SER E 142 54.63 -31.06 4.85
CA PHE E 143 53.94 -27.33 4.82
CA LEU E 144 55.93 -24.12 4.82
CA ASP E 145 55.16 -20.40 4.65
CA VAL E 146 57.15 -18.77 1.89
CA TYR E 147 57.65 -15.22 0.68
CA VAL E 148 57.29 -14.80 -3.06
CA ASN E 149 60.61 -13.73 -4.50
CA GLY E 150 63.30 -15.72 -6.28
CA VAL E 151 65.29 -15.65 -3.05
CA THR E 152 63.95 -16.38 0.43
CA PRO E 153 63.53 -20.11 1.16
CA GLY E 154 60.96 -21.11 3.77
CA THR E 155 63.26 -23.02 6.11
CA SER E 156 60.84 -25.93 6.45
CA LYS E 157 63.21 -28.13 8.45
CA ASP E 158 63.55 -30.69 5.65
CA LEU E 159 62.60 -29.40 2.21
CA LYS E 160 63.85 -26.19 0.61
CA VAL E 161 60.99 -24.39 -1.14
CA ILE E 162 61.79 -21.04 -2.73
CA ALA E 163 58.78 -19.44 -4.39
CA GLY E 164 59.82 -17.52 -7.50
CA PRO E 165 58.59 -13.99 -8.22
CA ILE E 166 54.84 -13.81 -8.81
CA SER E 167 53.78 -13.62 -12.48
CA ALA E 168 51.95 -10.27 -12.29
CA SER E 169 52.49 -7.55 -9.70
CA PHE E 170 48.97 -6.71 -8.58
CA THR E 171 47.68 -4.74 -5.61
CA PRO E 172 44.15 -3.90 -4.42
CA PHE E 173 45.48 -0.61 -3.03
CA ASP E 174 46.44 2.85 -4.26
CA HIS E 175 49.47 4.82 -3.09
CA LYS E 176 47.14 6.59 -0.65
CA VAL E 177 44.57 4.77 1.47
CA VAL E 178 42.34 5.67 4.40
CA ILE E 179 41.58 3.29 7.22
CA HIS E 180 38.53 4.15 9.26
CA ARG E 181 37.24 1.52 11.64
CA GLY E 182 38.17 -1.89 10.33
CA LEU E 183 37.62 -0.50 6.93
CA VAL E 184 39.98 0.70 4.27
CA TYR E 185 39.16 2.98 1.33
CA ASN E 186 41.32 4.08 -1.58
CA TYR E 187 41.24 7.86 -0.98
CA ASP E 188 43.73 10.52 -2.15
CA PHE E 189 43.87 12.36 1.19
CA PRO E 190 46.01 15.50 1.11
CA GLU E 191 49.65 15.56 2.24
CA TYR E 192 50.38 16.31 5.85
CA GLY E 193 50.39 20.08 5.94
CA ALA E 194 48.48 20.98 2.81
CA MET E 195 44.98 20.72 4.21
CA LYS E 196 41.71 21.97 2.75
CA PRO E 197 38.90 22.68 5.25
CA GLY E 198 35.60 20.82 5.33
CA ALA E 199 37.22 18.15 3.14
CA PHE E 200 38.87 15.00 4.51
CA GLY E 201 41.95 15.76 6.55
CA ASP E 202 40.88 19.24 7.54
CA ILE E 203 42.77 18.72 10.79
CA GLN E 204 45.89 16.54 11.01
CA ALA E 205 48.09 14.94 13.66
CA THR E 206 50.97 12.46 13.55
CA SER E 207 49.67 10.24 16.35
CA LEU E 208 46.58 10.11 18.57
CA THR E 209 48.65 11.60 21.40
CA SER E 210 47.68 14.95 19.87
CA LYS E 211 51.31 15.37 18.35
CA ASP E 212 51.99 18.87 16.66
CA LEU E 213 48.50 18.92 15.10
CA ILE E 214 47.87 21.30 12.21
CA ALA E 215 44.33 22.32 11.28
CA SER E 216 42.70 24.52 8.62
CA THR E 217 38.96 24.94 9.27
CA ASP E 218 37.96 28.26 7.62
CA ILE E 219 37.05 29.93 10.90
CA ARG E 220 35.62 33.39 10.41
CA LEU E 221 35.27 35.94 13.18
CA LEU E 222 32.37 38.35 13.23
CA LYS E 223 32.12 41.85 14.67
CA PRO E 224 30.12 41.30 17.87
CA SER E 225 27.04 43.46 18.52
CA ALA E 226 26.78 45.60 21.64
CA LYS E 227 24.37 44.13 24.16
CA ASN E 228 26.53 41.27 25.45
CA VAL E 229 30.13 40.11 25.35
CA HIS E 230 29.65 37.24 22.95
CA VAL E 231 32.18 36.22 20.32
CA PRO E 232 30.57 35.29 16.98
CA TYR E 233 32.20 33.08 14.36
CA THR E 234 31.40 30.98 11.33
CA GLN E 235 33.49 28.00 10.43
CA ALA E 236 33.67 25.20 7.93
CA SER E 237 32.11 21.78 8.31
CA SER E 238 33.89 18.75 9.83
CA GLY E 239 35.80 17.37 6.85
CA PHE E 240 35.77 14.11 8.76
CA GLU E 241 32.09 13.61 9.44
CA MET E 242 31.75 14.96 5.91
CA TRP E 243 33.94 12.21 4.54
CA LYS E 244 32.19 9.64 6.74
CA ASN E 245 28.72 10.43 5.27
CA ASN E 246 30.39 10.06 1.92
CA SER E 247 32.90 7.30 2.44
CA GLY E 248 32.33 4.71 -0.24
CA ARG E 249 31.79 1.06 0.01
CA PRO E 250 35.01 -0.31 1.65
CA LEU E 251 37.70 -2.09 -0.33
CA GLN E 252 36.84 -5.27 1.53
CA GLU E 253 33.76 -4.98 -0.69
CA THR E 254 35.31 -3.76 -3.94
CA ALA E 255 38.61 -5.65 -4.09
CA PRO E 256 39.45 -6.51 -7.76
CA PHE E 257 40.29 -10.23 -7.30
CA GLY E 258 38.08 -11.47 -4.52
CA CYS E 259 40.67 -10.39 -1.99
CA LYS E 260 39.67 -10.34 1.67
CA ILE E 261 41.09 -6.99 2.85
CA ALA E 262 42.41 -6.97 6.44
CA VAL E 263 43.47 -4.40 9.04
CA ASN E 264 45.83 -4.41 11.42
CA PRO E 265 48.65 -5.42 9.22
CA LEU E 266 47.30 -3.90 5.98
CA ARG E 267 46.81 -7.04 3.91
CA ALA E 268 44.95 -8.67 1.02
CA VAL E 269 44.08 -12.17 2.27
CA ASP E 270 43.43 -14.95 -0.23
CA CYS E 271 43.47 -13.07 -3.52
CA SER E 272 43.47 -15.17 -6.70
CA TYR E 273 45.50 -14.19 -9.74
CA GLY E 274 48.47 -15.38 -11.78
CA ASN E 275 50.72 -18.37 -11.25
CA ILE E 276 53.52 -18.87 -8.73
CA PRO E 277 56.77 -20.39 -9.88
CA ILE E 278 57.91 -22.93 -7.28
CA SER E 279 61.20 -24.76 -6.80
CA ILE E 280 61.11 -27.84 -4.56
CA ASP E 281 63.97 -29.86 -3.06
CA ILE E 282 62.78 -33.43 -2.41
CA PRO E 283 64.96 -35.35 0.05
CA ASN E 284 66.22 -38.51 -1.67
CA ALA E 285 65.29 -40.20 1.60
CA ALA E 286 61.75 -41.04 0.49
CA PHE E 287 60.84 -40.74 -3.19
CA ILE E 288 61.57 -44.30 -4.27
CA ARG E 289 63.72 -45.71 -7.08
CA THR E 290 62.35 -48.45 -9.36
CA SER E 291 63.33 -51.49 -7.28
CA ASP E 292 59.83 -52.05 -5.92
CA ALA E 293 56.89 -52.53 -8.29
CA PRO E 294 56.98 -57.37 -4.80
CA LEU E 295 56.33 -57.38 -8.56
CA VAL E 296 53.69 -55.47 -10.50
CA SER E 297 52.81 -55.97 -14.17
CA THR E 298 50.12 -55.21 -16.76
CA VAL E 299 47.89 -52.16 -16.32
CA LYS E 300 45.09 -51.26 -18.74
CA CYS E 301 42.55 -48.47 -18.34
CA GLU E 302 38.77 -48.56 -18.77
CA VAL E 303 36.42 -45.61 -18.17
CA SER E 304 32.93 -46.44 -16.89
CA GLU E 305 31.29 -43.00 -16.73
CA CYS E 306 32.35 -39.39 -17.27
CA THR E 307 31.01 -35.83 -17.09
CA TYR E 308 32.63 -32.83 -18.77
CA SER E 309 33.86 -29.93 -16.60
CA ALA E 310 32.48 -31.19 -13.27
CA ASP E 311 34.07 -31.48 -9.84
CA PHE E 312 34.72 -35.23 -10.12
CA GLY E 313 32.42 -36.75 -12.72
CA GLY E 314 35.09 -39.09 -14.06
CA MET E 315 34.99 -42.81 -13.27
CA ALA E 316 37.66 -45.23 -14.50
CA THR E 317 38.80 -48.71 -13.48
CA LEU E 318 42.18 -50.42 -13.80
CA GLN E 319 42.67 -54.14 -14.43
CA TYR E 320 46.08 -55.67 -13.82
CA VAL E 321 48.07 -58.46 -12.15
CA SER E 322 50.03 -58.08 -8.91
CA ASP E 323 52.34 -60.50 -7.08
CA ARG E 324 51.11 -59.42 -3.64
CA GLU E 325 49.29 -56.66 -1.77
CA GLY E 326 50.61 -53.14 -1.22
CA GLN E 327 49.89 -49.43 -1.62
CA CYS E 328 50.30 -47.63 -4.96
CA PRO E 329 50.35 -43.87 -5.66
CA VAL E 330 48.09 -43.08 -8.63
CA HIS E 331 48.70 -39.92 -10.65
CA SER E 332 48.14 -38.41 -14.11
CA HIS E 333 51.04 -37.44 -16.37
CA SER E 334 48.97 -34.96 -18.39
CA SER E 335 47.19 -31.81 -17.26
CA THR E 336 44.20 -32.69 -19.46
CA ALA E 337 42.93 -34.59 -16.41
CA THR E 338 43.55 -34.95 -12.68
CA LEU E 339 42.73 -37.69 -10.17
CA GLN E 340 40.69 -37.19 -6.99
CA GLU E 341 42.91 -39.61 -5.13
CA SER E 342 46.68 -40.07 -5.19
CA THR E 343 46.99 -43.46 -3.47
CA VAL E 344 45.24 -46.82 -3.88
CA HIS E 345 45.17 -50.13 -1.99
CA VAL E 346 46.28 -52.62 -4.62
CA LEU E 347 44.88 -56.10 -4.02
CA GLU E 348 45.42 -59.38 -5.87
CA LYS E 349 41.98 -59.09 -7.47
CA GLY E 350 43.40 -56.91 -10.23
CA ALA E 351 40.71 -54.23 -10.12
CA VAL E 352 41.14 -50.61 -9.05
CA THR E 353 38.37 -48.02 -9.28
CA VAL E 354 39.40 -44.34 -9.42
CA HIS E 355 37.63 -40.99 -9.73
CA PHE E 356 38.95 -38.12 -11.88
CA SER E 357 38.05 -34.63 -13.07
CA THR E 358 38.37 -33.08 -16.52
CA ALA E 359 37.04 -30.34 -18.81
CA SER E 360 37.06 -31.88 -22.29
CA PRO E 361 34.85 -34.00 -24.56
CA GLN E 362 37.28 -36.68 -25.73
CA ALA E 363 40.35 -36.48 -23.49
CA ASN E 364 43.63 -38.41 -23.68
CA PHE E 365 45.65 -38.88 -20.50
CA ILE E 366 48.38 -41.20 -19.22
CA VAL E 367 47.47 -42.57 -15.78
CA SER E 368 50.18 -44.19 -13.67
CA LEU E 369 50.02 -46.83 -10.95
CA CYS E 370 52.95 -47.67 -8.68
CA GLY E 371 55.50 -47.96 -11.46
CA LYS E 372 53.36 -48.91 -14.45
CA LYS E 373 51.66 -46.54 -16.91
CA THR E 374 48.69 -46.74 -19.28
CA THR E 375 46.29 -44.66 -21.36
CA CYS E 376 42.60 -43.92 -20.80
CA ASN E 377 39.74 -42.78 -23.04
CA ALA E 378 36.06 -41.82 -23.03
CA GLU E 379 33.53 -39.23 -24.19
CA CYS E 380 32.06 -36.69 -21.75
CA PHE F 6 39.43 20.84 43.90
CA THR F 7 38.44 23.97 42.87
CA LEU F 8 40.41 26.92 41.54
CA THR F 9 37.68 28.23 39.28
CA SER F 10 33.98 29.10 39.69
CA PRO F 11 30.75 28.90 37.60
CA TYR F 12 30.23 31.69 35.04
CA LEU F 13 27.34 33.13 33.01
CA GLY F 14 26.82 32.81 29.28
CA THR F 15 24.48 34.16 26.64
CA CYS F 16 21.89 31.57 25.65
CA SER F 17 19.30 31.44 22.86
CA TYR F 18 16.35 29.90 24.73
CA CYS F 19 15.72 29.90 28.49
CA HIS F 20 12.32 28.50 29.58
CA HIS F 21 11.01 31.43 27.57
CA THR F 22 11.92 31.19 23.90
CA VAL F 23 13.63 34.59 24.24
CA PRO F 24 17.48 34.43 24.35
CA CYS F 25 18.78 35.19 27.84
CA PHE F 26 21.98 35.55 29.84
CA SER F 27 21.78 32.69 32.30
CA PRO F 28 23.98 30.09 34.02
CA VAL F 29 24.06 26.53 32.71
CA LYS F 30 25.03 28.01 29.35
CA ILE F 31 25.80 25.21 26.93
CA GLU F 32 28.96 25.81 24.91
CA GLN F 33 29.59 22.43 23.26
CA VAL F 34 28.26 18.89 23.10
CA TRP F 35 29.76 15.58 22.00
CA ASP F 36 27.78 13.00 20.08
CA GLU F 37 30.62 10.77 18.95
CA ALA F 38 30.28 7.54 20.89
CA ASP F 39 28.98 4.30 19.40
CA ASP F 40 27.02 4.00 22.59
CA ASN F 41 23.94 6.19 22.88
CA THR F 42 25.68 8.48 25.38
CA ILE F 43 26.25 12.24 25.33
CA ARG F 44 28.85 14.60 26.77
CA ILE F 45 27.62 18.10 27.66
CA GLN F 46 29.66 21.22 28.54
CA THR F 47 27.92 23.76 30.79
CA SER F 48 28.92 26.92 32.66
CA ALA F 49 27.78 25.78 36.09
CA GLN F 50 30.02 23.81 38.46
CA PHE F 51 29.15 20.57 40.22
CA GLY F 52 30.56 18.27 42.89
CA TYR F 53 31.15 21.24 45.19
CA ASP F 54 29.28 23.95 47.10
CA GLN F 55 29.66 27.72 46.87
CA SER F 56 33.41 27.46 47.36
CA GLY F 57 36.18 24.86 47.46
CA ALA F 58 35.57 21.24 46.44
CA ALA F 59 32.78 19.55 48.40
CA SER F 60 31.88 16.19 46.89
CA ALA F 61 28.87 13.86 46.72
CA ASN F 62 25.82 15.62 45.28
CA LYS F 63 26.26 19.40 45.27
CA TYR F 64 26.61 22.06 42.57
CA ARG F 65 27.14 25.81 42.47
CA TYR F 66 26.46 28.59 39.98
CA MET F 67 26.20 32.35 39.55
CA SER F 68 23.11 34.30 40.56
CA LEU F 69 20.04 35.54 38.74
CA LYS F 70 21.70 38.95 39.10
CA GLN F 71 25.34 39.92 38.54
CA ASP F 72 26.18 40.19 42.25
CA HIS F 73 28.81 37.55 41.60
CA THR F 74 26.99 35.78 44.40
CA VAL F 75 27.92 32.14 44.02
CA LYS F 76 24.98 30.34 45.62
CA GLU F 77 24.67 26.56 45.75
CA GLY F 78 22.03 23.87 45.74
CA THR F 79 21.81 20.09 45.74
CA MET F 80 22.94 17.93 42.79
CA ASP F 81 19.52 16.40 43.06
CA ASP F 82 17.32 18.95 41.35
CA ILE F 83 19.40 19.24 38.17
CA LYS F 84 17.89 17.32 35.28
CA ILE F 85 18.72 16.98 31.59
CA SER F 86 16.28 16.69 28.70
CA THR F 87 16.22 16.76 24.92
CA SER F 88 12.77 15.72 23.76
CA GLY F 89 11.92 13.66 26.81
CA PRO F 90 13.58 12.30 29.94
CA CYS F 91 17.34 12.00 30.37
CA ARG F 92 19.23 10.42 33.22
CA ARG F 93 22.70 11.70 33.96
CA LEU F 94 25.49 9.37 34.92
CA SER F 95 28.56 11.27 36.12
CA TYR F 96 29.36 14.86 37.10
CA LYS F 97 32.73 16.32 36.21
CA GLY F 98 32.70 19.88 37.50
CA TYR F 99 31.70 21.80 34.37
CA PHE F 100 30.71 18.74 32.37
CA LEU F 101 27.69 16.44 32.16
CA LEU F 102 27.18 13.01 30.66
CA ALA F 103 23.92 11.13 30.13
CA LYS F 104 21.92 9.00 27.69
CA CYS F 105 19.60 11.29 26.18
CA PRO F 106 16.43 9.82 23.99
CA PRO F 107 15.74 11.23 20.50
CA GLY F 108 17.51 14.51 19.80
CA ASP F 109 16.68 17.75 17.99
CA SER F 110 17.88 20.10 20.73
CA VAL F 111 19.32 19.89 24.23
CA THR F 112 18.12 21.53 27.44
CA VAL F 113 19.86 21.61 30.81
CA SER F 114 18.16 23.21 33.80
CA ILE F 115 17.41 23.32 37.51
CA VAL F 116 13.85 22.88 38.80
CA SER F 117 14.08 23.64 42.51
CA SER F 118 10.41 24.35 42.66
CA ASN F 119 8.15 26.92 41.01
CA SER F 120 11.02 29.14 39.84
CA ALA F 121 13.99 27.94 37.77
CA THR F 122 16.09 28.62 34.68
CA SER F 123 17.23 26.53 31.70
CA CYS F 124 19.51 26.99 28.69
CA THR F 125 18.89 24.90 25.58
CA LEU F 126 21.10 24.24 22.59
CA ALA F 127 20.24 23.74 18.97
CA ARG F 128 22.19 20.52 18.42
CA LYS F 129 20.96 17.48 16.50
CA ILE F 130 21.46 14.01 18.00
CA LYS F 131 20.83 10.75 16.19
CA PRO F 132 19.76 7.19 17.00
CA LYS F 133 22.98 5.22 17.37
CA PHE F 134 22.86 3.43 14.19
CA VAL F 135 26.10 1.56 13.66
CA GLY F 136 25.48 -1.54 11.58
CA ARG F 137 24.37 -1.59 7.96
CA GLU F 138 20.87 -2.12 9.28
CA LYS F 139 18.67 0.68 10.53
CA TYR F 140 17.44 0.19 14.08
CA ASP F 141 16.06 2.40 16.83
CA LEU F 142 16.73 -0.05 19.63
CA PRO F 143 19.30 -2.83 20.06
CA PRO F 144 17.56 -6.09 19.08
CA VAL F 145 17.07 -8.76 21.74
CA HIS F 146 18.98 -11.07 19.45
CA GLY F 147 21.27 -9.90 16.68
CA LYS F 148 24.96 -9.90 15.91
CA LYS F 149 27.90 -8.53 17.87
CA ILE F 150 29.81 -5.82 16.05
CA PRO F 151 32.83 -3.63 16.83
CA CYS F 152 31.70 -0.20 18.01
CA THR F 153 32.89 2.44 20.47
CA VAL F 154 30.87 3.72 23.45
CA TYR F 155 31.10 5.61 26.77
CA ASP F 156 32.16 3.83 29.99
CA LEU F 255 43.32 16.81 31.99
CA HIS F 256 40.70 14.06 32.12
CA LEU F 257 38.04 12.77 34.54
CA PRO F 258 35.06 12.06 32.24
CA PHE F 259 33.47 8.78 31.08
CA LYS F 260 36.22 7.61 28.71
CA LEU F 261 35.47 6.27 25.23
CA ILE F 262 36.23 2.56 24.89
CA PRO F 263 35.81 0.30 21.84
CA SER F 264 33.54 -2.70 22.47
CA THR F 265 30.50 -4.54 21.12
CA CYS F 266 27.13 -3.25 20.01
CA MET F 267 24.33 -5.53 18.93
CA VAL F 268 23.16 -4.77 15.41
CA PRO F 269 20.08 -7.23 13.20
CA VAL F 270 20.36 -9.89 10.53
CA ALA F 271 18.27 -9.66 7.37
CA HIS F 272 15.64 -12.00 5.93
CA ALA F 273 17.59 -14.44 3.77
CA PRO F 274 16.95 -13.65 0.09
CA ASN F 275 15.06 -16.30 -1.77
CA VAL F 276 17.63 -17.04 -4.45
CA ILE F 277 17.02 -18.48 -7.86
CA HIS F 278 19.85 -20.02 -9.86
CA GLY F 279 19.54 -20.09 -13.63
CA PHE F 280 21.57 -20.02 -16.83
CA LYS F 281 24.47 -17.79 -15.86
CA HIS F 282 21.87 -16.13 -13.69
CA ILE F 283 20.93 -15.25 -10.13
CA SER F 284 17.68 -13.42 -9.46
CA LEU F 285 17.67 -12.32 -5.83
CA GLN F 286 14.18 -12.06 -4.36
CA LEU F 287 14.54 -9.72 -1.37
CA ASP F 288 12.03 -8.62 1.25
CA THR F 289 13.28 -6.50 4.17
CA ASP F 290 11.49 -4.49 6.80
CA HIS F 291 14.38 -2.02 6.81
CA LEU F 292 17.47 -0.78 5.00
CA THR F 293 19.96 -3.46 4.04
CA LEU F 294 23.11 -2.98 1.99
CA LEU F 295 23.58 -5.32 -0.93
CA THR F 296 27.02 -5.83 -2.40
CA THR F 297 28.38 -7.79 -5.30
CA ARG F 298 31.57 -8.38 -7.24
CA ARG F 299 32.73 -10.93 -9.75
CA LEU F 300 35.34 -13.50 -8.84
CA GLY F 301 37.34 -13.03 -12.04
CA ALA F 302 39.12 -9.90 -13.21
CA ASN F 303 36.65 -7.17 -14.00
CA PRO F 304 34.54 -7.59 -10.82
CA GLU F 305 32.34 -4.61 -11.71
CA PRO F 306 31.59 -4.26 -7.99
CA THR F 307 28.04 -3.15 -7.13
CA THR F 308 26.66 -1.62 -3.97
CA GLU F 309 23.05 -0.61 -3.30
CA TRP F 310 20.80 -0.13 -0.30
CA ILE F 311 17.46 -1.81 -0.59
CA VAL F 312 14.13 -1.71 1.24
CA GLY F 313 10.99 -3.71 1.12
CA LYS F 314 10.32 -5.86 -1.88
CA THR F 315 12.25 -6.22 -5.07
CA VAL F 316 14.12 -8.65 -7.23
CA ARG F 317 17.65 -8.24 -8.54
CA ASN F 318 19.26 -10.55 -11.03
CA PHE F 319 23.02 -10.64 -11.71
CA THR F 320 25.20 -11.95 -14.24
CA VAL F 321 27.33 -15.29 -13.36
CA ASP F 322 30.42 -14.60 -15.47
CA ARG F 323 31.42 -18.26 -15.45
CA ASP F 324 33.79 -17.43 -12.60
CA GLY F 325 30.77 -16.98 -10.37
CA LEU F 326 30.41 -14.03 -8.01
CA GLU F 327 30.15 -13.10 -4.37
CA TYR F 328 27.27 -11.25 -2.77
CA ILE F 329 27.11 -9.87 0.75
CA TRP F 330 23.63 -8.90 1.84
CA GLY F 331 23.07 -6.76 4.93
CA ASN F 332 25.77 -7.96 7.35
CA HIS F 333 25.02 -11.52 6.39
CA GLU F 334 27.81 -13.57 5.54
CA PRO F 335 29.12 -13.27 2.32
CA VAL F 336 28.00 -16.12 0.06
CA ARG F 337 29.24 -16.59 -3.45
CA VAL F 338 27.58 -18.46 -6.27
CA TYR F 339 28.98 -20.16 -9.35
CA ALA F 340 27.63 -21.72 -12.55
CA TYR G 1 28.53 81.27 -22.17
CA GLU G 2 25.90 78.70 -23.12
CA HIS G 3 27.38 75.27 -23.85
CA ALA G 4 25.65 72.24 -25.36
CA THR G 5 26.94 68.72 -24.57
CA THR G 6 25.40 65.27 -24.16
CA VAL G 7 26.34 63.35 -21.03
CA PRO G 8 25.77 59.59 -20.83
CA ASN G 9 23.42 58.70 -17.97
CA VAL G 10 25.61 56.60 -15.68
CA PRO G 11 26.09 57.29 -11.96
CA GLN G 12 29.51 58.33 -10.60
CA ILE G 13 31.29 58.35 -13.95
CA PRO G 14 32.69 61.84 -14.71
CA TYR G 15 32.51 63.33 -18.19
CA LYS G 16 35.48 65.43 -19.31
CA ALA G 17 34.92 68.02 -22.04
CA LEU G 18 36.54 71.20 -23.34
CA VAL G 19 34.90 74.59 -23.64
CA GLU G 20 36.14 76.20 -26.85
CA ARG G 21 35.62 79.95 -27.14
CA ALA G 22 37.20 82.37 -29.63
CA GLY G 23 40.21 84.10 -28.09
CA TYR G 24 39.32 82.65 -24.70
CA ALA G 25 41.34 79.84 -23.10
CA PRO G 26 39.81 76.33 -22.86
CA LEU G 27 37.80 75.51 -19.74
CA ASN G 28 37.96 72.81 -17.11
CA LEU G 29 34.63 70.97 -17.48
CA GLU G 30 33.73 67.74 -15.71
CA ILE G 31 30.15 66.63 -15.06
CA THR G 32 29.30 63.78 -12.71
CA VAL G 33 25.72 62.49 -12.58
CA MET G 34 25.88 61.63 -8.89
CA SER G 35 22.35 60.30 -8.67
CA SER G 36 19.46 59.68 -11.04
CA GLU G 37 15.87 59.14 -9.91
CA VAL G 38 12.98 58.10 -12.13
CA LEU G 39 9.75 59.20 -10.47
CA PRO G 40 6.52 58.07 -12.08
CA SER G 41 2.98 59.04 -11.03
CA THR G 42 1.24 56.77 -8.58
CA ASN G 43 -2.55 56.47 -8.47
CA GLN G 44 -3.01 54.16 -5.47
CA GLU G 45 -6.09 52.10 -6.30
CA TYR G 46 -6.85 49.89 -3.31
CA ILE G 47 -5.51 48.07 -0.30
CA THR G 48 -5.87 44.34 0.17
CA CYS G 49 -5.03 41.75 2.78
CA LYS G 50 -6.04 38.64 4.69
CA PHE G 51 -9.79 39.00 5.19
CA THR G 52 -11.70 37.59 8.12
CA THR G 53 -15.15 36.05 7.74
CA VAL G 54 -17.76 36.90 10.32
CA VAL G 55 -20.68 34.57 10.88
CA PRO G 56 -23.54 35.94 13.02
CA SER G 57 -25.74 33.40 14.82
CA PRO G 58 -28.37 32.27 12.32
CA LYS G 59 -31.82 33.77 12.69
CA ILE G 60 -34.37 30.95 12.82
CA LYS G 61 -38.10 31.57 13.31
CA CYS G 62 -39.96 28.15 14.45
CA CYS G 63 -42.95 27.93 12.11
CA GLY G 64 -42.10 30.92 9.93
CA SER G 65 -40.83 31.86 6.47
CA LEU G 66 -37.40 33.52 6.53
CA GLU G 67 -36.75 35.04 3.07
CA CYS G 68 -33.71 37.25 2.52
CA GLN G 69 -33.44 40.99 2.05
CA PRO G 70 -30.86 42.74 -0.14
CA ALA G 71 -28.52 43.36 2.79
CA ALA G 72 -25.47 44.96 1.18
CA HIS G 73 -22.47 45.25 3.51
CA ALA G 74 -19.09 43.91 2.40
CA ASP G 75 -18.94 40.26 1.38
CA TYR G 76 -22.47 39.54 2.61
CA THR G 77 -24.16 36.29 1.58
CA CYS G 78 -27.49 34.87 2.80
CA LYS G 79 -29.23 31.63 1.93
CA VAL G 80 -32.70 30.52 2.92
CA PHE G 81 -32.71 26.91 4.06
CA GLY G 82 -36.11 25.30 4.47
CA GLY G 83 -37.32 22.35 6.50
CA VAL G 84 -34.55 22.30 9.08
CA TYR G 85 -34.92 21.29 12.73
CA PRO G 86 -37.97 19.43 14.08
CA PHE G 87 -39.63 19.68 17.51
CA MET G 88 -38.20 19.64 21.02
CA TRP G 89 -34.41 19.43 20.64
CA GLY G 90 -32.76 18.10 17.49
CA GLY G 91 -32.51 21.37 15.84
CA ALA G 92 -33.73 24.11 18.19
CA GLN G 93 -36.68 24.52 20.53
CA CYS G 94 -39.50 24.43 17.98
CA PHE G 95 -42.59 22.26 17.55
CA CYS G 96 -43.03 21.84 13.79
CA ASP G 97 -41.10 19.58 11.42
CA SER G 98 -41.26 20.51 7.74
CA GLU G 99 -42.36 24.07 8.29
CA ASN G 100 -38.98 25.36 9.48
CA SER G 101 -36.47 27.78 7.98
CA GLN G 102 -32.99 29.05 8.74
CA MET G 103 -31.20 32.02 7.19
CA SER G 104 -27.47 31.58 6.89
CA GLU G 105 -25.67 34.87 6.45
CA ALA G 106 -21.97 35.73 6.45
CA TYR G 107 -19.64 38.50 5.29
CA VAL G 108 -15.93 39.36 5.31
CA GLU G 109 -13.91 42.02 7.18
CA LEU G 110 -10.24 42.94 7.40
CA SER G 111 -7.92 40.99 9.64
CA ALA G 112 -7.16 42.21 13.13
CA ASP G 113 -3.78 42.69 11.50
CA CYS G 114 -4.72 43.77 7.95
CA ALA G 115 -2.85 46.96 8.75
CA SER G 116 0.47 45.43 9.70
CA ASP G 117 0.59 43.23 6.56
CA HIS G 118 -1.14 44.29 3.35
CA ALA G 119 -0.35 45.24 -0.20
CA GLN G 120 -1.13 48.21 -2.39
CA ALA G 121 -2.58 48.02 -5.87
CA ILE G 122 -1.09 50.95 -7.73
CA LYS G 123 -1.42 52.36 -11.23
CA VAL G 124 1.72 53.87 -12.71
CA HIS G 125 1.72 56.49 -15.43
CA THR G 126 4.30 58.61 -17.23
CA ALA G 127 7.27 59.72 -15.14
CA ALA G 128 9.75 62.49 -14.58
CA MET G 129 13.41 62.10 -13.64
CA LYS G 130 15.61 64.27 -11.44
CA VAL G 131 19.41 64.11 -11.66
CA GLY G 132 21.98 65.01 -9.00
CA LEU G 133 24.61 66.68 -11.12
CA ARG G 134 28.04 67.89 -10.07
CA ILE G 135 29.76 70.23 -12.51
CA VAL G 136 33.23 71.66 -12.07
CA TYR G 137 34.53 74.63 -14.05
CA GLY G 138 38.00 76.06 -13.53
CA ASN G 139 38.80 76.60 -9.85
CA THR G 140 35.17 76.18 -8.73
CA THR G 141 32.88 73.16 -8.41
CA SER G 142 29.09 73.40 -8.20
CA PHE G 143 26.09 71.09 -8.20
CA LEU G 144 22.40 71.30 -8.97
CA ASP G 145 19.46 68.89 -9.07
CA VAL G 146 17.70 69.10 -12.40
CA TYR G 147 14.56 67.57 -13.88
CA VAL G 148 15.04 66.10 -17.32
CA ASN G 149 12.95 68.06 -19.79
CA GLY G 150 13.91 70.79 -22.24
CA VAL G 151 12.39 73.28 -19.82
CA THR G 152 12.96 73.40 -16.05
CA PRO G 153 16.31 74.95 -15.05
CA GLY G 154 17.80 73.91 -11.70
CA THR G 155 18.07 77.35 -10.13
CA SER G 156 21.62 76.72 -8.90
CA LYS G 157 22.19 80.27 -7.65
CA ASP G 158 24.83 81.01 -10.28
CA LEU G 159 24.74 78.72 -13.30
CA LYS G 160 21.67 77.88 -15.37
CA VAL G 161 21.62 74.17 -16.21
CA ILE G 162 18.60 72.89 -18.14
CA ALA G 163 18.77 69.17 -18.82
CA GLY G 164 17.22 68.36 -22.19
CA PRO G 165 14.74 65.49 -22.68
CA ILE G 166 16.28 62.08 -22.04
CA SER G 167 17.26 60.13 -25.20
CA ALA G 168 15.02 57.08 -24.60
CA SER G 169 11.90 56.96 -22.45
CA PHE G 170 12.44 53.89 -20.32
CA THR G 171 10.68 52.65 -17.19
CA PRO G 172 11.21 49.58 -14.98
CA PHE G 173 7.48 49.54 -14.24
CA ASP G 174 4.22 48.45 -15.88
CA HIS G 175 0.98 50.42 -15.83
CA LYS G 176 -0.05 48.26 -12.87
CA VAL G 177 2.24 47.46 -9.96
CA VAL G 178 1.84 45.93 -6.53
CA ILE G 179 3.76 47.10 -3.49
CA HIS G 180 3.90 44.66 -0.64
CA ARG G 181 6.33 45.39 2.15
CA GLY G 182 9.21 47.41 0.79
CA LEU G 183 8.84 45.42 -2.33
CA VAL G 184 7.28 46.18 -5.65
CA TYR G 185 6.16 43.67 -8.30
CA ASN G 186 4.82 44.23 -11.78
CA TYR G 187 1.38 42.58 -11.38
CA ASP G 188 -1.80 43.16 -13.40
CA PHE G 189 -4.13 43.30 -10.38
CA PRO G 190 -7.80 43.64 -11.28
CA GLU G 191 -9.60 47.00 -11.37
CA TYR G 192 -11.25 48.21 -8.21
CA GLY G 193 -14.63 46.51 -8.32
CA ALA G 194 -14.02 43.66 -10.72
CA MET G 195 -12.57 41.17 -8.27
CA LYS G 196 -12.02 37.45 -8.67
CA PRO G 197 -11.92 35.38 -5.46
CA GLY G 198 -8.88 33.47 -4.24
CA ALA G 199 -6.79 35.50 -6.70
CA PHE G 200 -4.96 38.71 -5.77
CA GLY G 201 -7.33 41.50 -4.86
CA ASP G 202 -10.15 39.24 -3.76
CA ILE G 203 -11.09 41.94 -1.24
CA GLN G 204 -10.53 45.65 -1.91
CA ALA G 205 -10.54 48.94 -0.02
CA THR G 206 -9.54 52.50 -0.93
CA SER G 207 -7.56 53.13 2.25
CA LEU G 208 -6.54 51.16 5.34
CA THR G 209 -9.27 52.95 7.30
CA SER G 210 -11.54 50.20 5.99
CA LYS G 211 -13.17 52.69 3.37
CA ASP G 212 -16.24 51.21 1.39
CA LEU G 213 -14.50 47.83 1.01
CA ILE G 214 -15.81 45.43 -1.64
CA ALA G 215 -15.03 41.72 -1.46
CA SER G 216 -15.79 38.64 -3.56
CA THR G 217 -14.70 35.44 -1.77
CA ASP G 218 -16.91 32.63 -3.19
CA ILE G 219 -18.61 31.93 0.12
CA ARG G 220 -20.98 29.01 -0.05
CA LEU G 221 -23.62 28.25 2.56
CA LEU G 222 -24.53 24.68 3.41
CA LYS G 223 -27.79 23.24 4.68
CA PRO G 224 -27.07 22.62 8.38
CA SER G 225 -27.78 19.19 9.85
CA ALA G 226 -30.16 18.79 12.80
CA LYS G 227 -28.30 18.08 16.02
CA ASN G 228 -26.93 21.57 16.70
CA VAL G 229 -27.41 25.12 15.50
CA HIS G 230 -24.21 25.42 13.53
CA VAL G 231 -23.89 27.36 10.29
CA PRO G 232 -21.76 25.55 7.67
CA TYR G 233 -20.00 27.26 4.79
CA THR G 234 -17.24 26.77 2.27
CA GLN G 235 -15.31 29.70 0.90
CA ALA G 236 -12.44 30.48 -1.38
CA SER G 237 -8.81 30.83 -0.37
CA SER G 238 -7.18 34.13 0.66
CA GLY G 239 -6.20 35.61 -2.70
CA PHE G 240 -3.66 37.58 -0.72
CA GLU G 241 -1.79 34.87 1.11
CA MET G 242 -2.18 33.05 -2.18
CA TRP G 243 -0.40 35.82 -4.04
CA LYS G 244 2.20 36.09 -1.29
CA ASN G 245 3.24 32.40 -1.61
CA ASN G 246 3.49 33.11 -5.30
CA SER G 247 4.79 36.66 -5.48
CA GLY G 248 7.81 36.67 -7.70
CA ARG G 249 11.23 37.96 -7.11
CA PRO G 250 10.77 41.74 -6.50
CA LEU G 251 11.58 44.33 -9.14
CA GLN G 252 14.41 45.56 -6.96
CA GLU G 253 15.88 42.23 -8.10
CA THR G 254 14.75 42.14 -11.73
CA ALA G 255 15.06 45.77 -12.83
CA PRO G 256 16.15 45.93 -16.53
CA PHE G 257 19.00 48.48 -16.17
CA GLY G 258 20.51 47.89 -12.79
CA CYS G 259 17.99 50.26 -11.26
CA LYS G 260 17.68 50.32 -7.48
CA ILE G 261 13.89 50.31 -6.97
CA ALA G 262 12.64 52.33 -3.99
CA VAL G 263 9.42 52.74 -1.99
CA ASN G 264 7.99 55.36 -0.48
CA PRO G 265 8.10 57.65 -3.42
CA LEU G 266 7.93 54.97 -6.13
CA ARG G 267 11.31 55.45 -7.78
CA ALA G 268 14.08 53.88 -9.86
CA VAL G 269 17.31 55.07 -8.22
CA ASP G 270 20.52 55.16 -10.25
CA CYS G 271 19.46 53.46 -13.47
CA SER G 272 21.91 53.61 -16.37
CA TYR G 273 20.75 54.09 -19.95
CA GLY G 274 20.93 56.63 -22.75
CA ASN G 275 22.53 60.05 -22.83
CA ILE G 276 21.31 63.30 -21.30
CA PRO G 277 21.49 66.47 -23.35
CA ILE G 278 22.76 69.28 -21.13
CA SER G 279 22.92 73.04 -21.62
CA ILE G 280 25.26 74.97 -19.32
CA ASP G 281 25.55 78.72 -18.70
CA ILE G 282 29.10 79.52 -17.54
CA PRO G 283 29.42 82.91 -15.81
CA ASN G 284 32.00 84.97 -17.69
CA ALA G 285 33.28 85.81 -14.20
CA ALA G 286 35.74 82.91 -14.08
CA PHE G 287 36.54 81.05 -17.31
CA ILE G 288 39.59 83.03 -18.39
CA ARG G 289 40.45 84.77 -21.66
CA THR G 290 43.89 84.29 -23.25
CA SER G 291 45.78 87.06 -21.45
CA ASP G 292 47.51 84.70 -19.02
CA ALA G 293 49.61 81.81 -20.31
CA PRO G 294 53.41 83.83 -18.63
CA LEU G 295 54.86 81.72 -21.44
CA VAL G 296 54.69 77.94 -21.91
CA SER G 297 56.61 75.92 -24.48
CA THR G 298 57.70 72.37 -25.33
CA VAL G 299 55.61 69.42 -24.11
CA LYS G 300 56.55 65.79 -24.78
CA CYS G 301 54.80 62.71 -23.41
CA GLU G 302 56.30 59.61 -21.77
CA VAL G 303 54.30 56.69 -20.35
CA SER G 304 55.79 54.90 -17.35
CA GLU G 305 53.25 52.13 -16.72
CA CYS G 306 49.88 51.07 -18.13
CA THR G 307 47.14 48.48 -17.66
CA TYR G 308 44.48 47.65 -20.26
CA SER G 309 40.80 48.23 -19.39
CA ALA G 310 41.30 49.15 -15.71
CA ASP G 311 39.90 51.99 -13.62
CA PHE G 312 43.08 54.09 -13.79
CA GLY G 313 46.05 51.88 -14.62
CA GLY G 314 47.66 54.45 -16.89
CA MET G 315 50.71 56.41 -15.77
CA ALA G 316 52.35 59.07 -17.96
CA THR G 317 54.71 61.98 -17.31
CA LEU G 318 55.18 65.25 -19.18
CA GLN G 319 58.51 67.05 -19.55
CA TYR G 320 58.50 70.69 -20.67
CA VAL G 321 59.76 74.22 -20.00
CA SER G 322 57.71 76.97 -18.36
CA ASP G 323 58.47 80.66 -17.76
CA ARG G 324 56.81 80.68 -14.33
CA GLU G 325 54.39 78.79 -12.10
CA GLY G 326 50.66 78.46 -12.71
CA GLN G 327 47.76 76.03 -13.08
CA CYS G 328 47.11 74.12 -16.30
CA PRO G 329 44.00 72.13 -17.33
CA VAL G 330 45.03 68.73 -18.72
CA HIS G 331 42.68 66.92 -21.10
CA SER G 332 42.67 64.30 -23.88
CA HIS G 333 41.57 65.16 -27.42
CA SER G 334 40.74 61.55 -28.31
CA SER G 335 38.18 59.20 -26.76
CA THR G 336 40.68 56.33 -26.94
CA ALA G 337 41.79 57.51 -23.50
CA THR G 338 40.69 59.76 -20.64
CA LEU G 339 42.56 61.44 -17.79
CA GLN G 340 41.79 60.97 -14.08
CA GLU G 341 42.57 64.62 -13.42
CA SER G 342 41.73 67.74 -15.40
CA THR G 343 44.06 70.26 -13.76
CA VAL G 344 47.75 70.25 -12.82
CA HIS G 345 50.09 72.51 -10.82
CA VAL G 346 52.77 73.39 -13.36
CA LEU G 347 56.11 74.14 -11.74
CA GLU G 348 59.42 75.27 -13.21
CA LYS G 349 60.85 71.76 -12.79
CA GLY G 350 59.35 70.69 -16.10
CA ALA G 351 57.85 67.43 -14.88
CA VAL G 352 54.15 66.58 -14.60
CA THR G 353 52.88 63.13 -13.62
CA VAL G 354 49.33 62.20 -14.68
CA HIS G 355 47.06 59.16 -14.37
CA PHE G 356 44.79 57.95 -17.18
CA SER G 357 42.39 55.15 -18.10
CA THR G 358 42.04 53.21 -21.36
CA ALA G 359 40.81 49.95 -22.88
CA SER G 360 43.28 49.18 -25.66
CA PRO G 361 46.66 47.45 -26.17
CA GLN G 362 48.58 50.07 -28.15
CA ALA G 363 46.64 53.32 -27.90
CA ASN G 364 47.29 56.68 -29.58
CA PHE G 365 45.99 59.84 -27.91
CA ILE G 366 46.72 63.57 -28.01
CA VAL G 367 47.10 64.95 -24.48
CA SER G 368 46.93 68.72 -23.95
CA LEU G 369 48.45 70.96 -21.29
CA CYS G 370 47.46 74.60 -20.82
CA GLY G 371 47.76 75.53 -24.49
CA LYS G 372 50.29 73.01 -25.77
CA LYS G 373 49.57 69.56 -27.21
CA THR G 374 51.51 66.31 -27.62
CA THR G 375 51.16 62.60 -28.35
CA CYS G 376 51.57 59.62 -26.00
CA ASN G 377 52.26 55.92 -26.52
CA ALA G 378 52.66 52.61 -24.67
CA GLU G 379 51.59 48.96 -24.60
CA CYS G 380 49.06 47.69 -22.04
CA PHE H 6 -17.89 47.19 29.35
CA THR H 7 -19.95 44.49 28.81
CA LEU H 8 -23.14 44.11 26.82
CA THR H 9 -22.56 40.49 25.86
CA SER H 10 -21.70 37.27 27.73
CA PRO H 11 -19.64 34.07 27.12
CA TYR H 12 -21.30 31.38 25.01
CA LEU H 13 -20.81 27.66 24.33
CA GLY H 14 -19.56 26.10 21.12
CA THR H 15 -19.14 22.64 19.65
CA CYS H 16 -15.49 21.53 19.79
CA SER H 17 -13.65 18.57 18.28
CA TYR H 18 -11.33 17.67 21.17
CA CYS H 19 -11.78 18.48 24.87
CA HIS H 20 -9.22 16.88 27.24
CA HIS H 21 -10.76 13.67 25.94
CA THR H 22 -10.25 13.22 22.22
CA VAL H 23 -14.05 12.99 21.84
CA PRO H 24 -15.69 16.15 20.40
CA CYS H 25 -17.64 18.03 23.07
CA PHE H 26 -19.82 21.09 23.60
CA SER H 27 -17.74 23.21 25.92
CA PRO H 28 -16.85 26.88 26.59
CA VAL H 29 -13.53 28.26 25.35
CA LYS H 30 -14.60 27.10 21.89
CA ILE H 31 -12.03 28.26 19.36
CA GLU H 32 -13.60 29.75 16.23
CA GLN H 33 -10.65 31.36 14.46
CA VAL H 34 -6.95 32.03 14.84
CA TRP H 35 -4.54 34.47 13.22
CA ASP H 36 -1.02 33.52 12.25
CA GLU H 37 -0.17 36.49 10.05
CA ALA H 38 2.40 38.52 11.95
CA ASP H 39 6.11 38.59 11.10
CA ASP H 40 6.62 38.31 14.82
CA ASN H 41 6.09 34.88 16.33
CA THR H 42 2.80 36.00 17.92
CA ILE H 43 -0.70 34.55 17.67
CA ARG H 44 -4.23 35.93 17.94
CA ILE H 45 -6.88 33.52 19.26
CA GLN H 46 -10.67 33.88 19.26
CA THR H 47 -12.53 32.01 22.02
CA SER H 48 -16.09 31.89 23.35
CA ALA H 49 -15.27 32.76 26.94
CA GLN H 50 -15.06 36.35 28.20
CA PHE H 51 -12.20 37.90 30.14
CA GLY H 52 -11.40 41.10 32.02
CA TYR H 53 -14.70 40.89 33.88
CA ASP H 54 -16.56 38.74 36.40
CA GLN H 55 -19.95 37.06 36.04
CA SER H 56 -21.55 40.34 34.98
CA GLY H 57 -20.59 43.87 33.94
CA ALA H 58 -16.97 44.83 33.24
CA ALA H 59 -14.62 44.16 36.15
CA SER H 60 -11.00 44.60 35.12
CA ALA H 61 -7.57 43.33 36.17
CA ASN H 62 -7.41 39.52 36.09
CA LYS H 63 -10.88 37.98 35.92
CA TYR H 64 -12.80 35.98 33.32
CA ARG H 65 -16.27 34.47 33.03
CA TYR H 66 -17.87 31.68 31.04
CA MET H 67 -20.93 29.44 30.76
CA SER H 68 -21.40 26.38 32.94
CA LEU H 69 -20.70 22.69 32.53
CA LYS H 70 -24.47 22.43 32.18
CA GLN H 71 -26.87 24.61 30.21
CA ASP H 72 -28.25 26.45 33.28
CA HIS H 73 -27.03 29.63 31.60
CA THR H 74 -25.23 30.06 34.90
CA VAL H 75 -22.41 32.48 34.15
CA LYS H 76 -19.83 31.61 36.81
CA GLU H 77 -16.44 33.31 37.02
CA GLY H 78 -12.90 32.56 38.08
CA THR H 79 -9.52 34.28 38.16
CA MET H 80 -7.58 35.22 34.99
CA ASP H 81 -4.75 33.37 36.61
CA ASP H 82 -5.60 29.76 35.94
CA ILE H 83 -6.18 30.13 32.19
CA LYS H 84 -3.25 28.88 30.16
CA ILE H 85 -2.59 28.41 26.45
CA SER H 86 -0.65 25.61 24.79
CA THR H 87 0.07 24.20 21.35
CA SER H 88 2.79 21.58 21.68
CA GLY H 89 4.36 23.03 24.81
CA PRO H 90 4.15 26.11 26.99
CA CYS H 91 2.59 29.39 25.87
CA ARG H 92 2.53 32.67 27.71
CA ARG H 93 -0.33 35.03 26.99
CA LEU H 94 0.22 38.75 26.73
CA SER H 95 -3.07 40.65 26.60
CA TYR H 96 -6.73 39.83 27.19
CA LYS H 97 -9.38 41.45 25.01
CA GLY H 98 -12.70 40.10 26.21
CA TYR H 99 -13.28 37.25 23.77
CA PHE H 100 -9.77 37.30 22.33
CA LEU H 101 -6.36 35.99 23.34
CA LEU H 102 -2.85 36.76 22.16
CA ALA H 103 0.38 34.94 22.99
CA LYS H 104 3.63 33.56 21.55
CA CYS H 105 3.00 30.05 21.13
CA PRO H 106 6.18 27.50 20.39
CA PRO H 107 5.96 25.03 17.49
CA GLY H 108 2.44 24.54 16.14
CA ASP H 109 0.38 21.64 14.83
CA SER H 110 -2.74 22.38 16.85
CA VAL H 111 -3.93 24.85 19.50
CA THR H 112 -5.43 24.20 22.91
CA VAL H 113 -6.98 26.72 25.29
CA SER H 114 -8.17 25.63 28.71
CA ILE H 115 -8.66 26.28 32.41
CA VAL H 116 -6.90 24.14 35.03
CA SER H 117 -8.40 25.25 38.34
CA SER H 118 -7.38 22.04 39.96
CA ASN H 119 -8.24 18.38 39.37
CA SER H 120 -11.23 19.14 37.15
CA ALA H 121 -11.14 21.36 34.06
CA THR H 122 -12.08 21.59 30.37
CA SER H 123 -10.21 22.50 27.18
CA CYS H 124 -11.05 23.01 23.52
CA THR H 125 -8.33 22.48 20.91
CA LEU H 126 -8.18 23.51 17.28
CA ALA H 127 -6.63 21.79 14.31
CA ARG H 128 -4.63 24.76 13.01
CA LYS H 129 -1.04 24.63 11.74
CA ILE H 130 1.43 27.29 12.90
CA LYS H 131 4.89 27.79 11.49
CA PRO H 132 8.30 29.01 12.65
CA LYS H 133 8.46 32.66 11.68
CA PHE H 134 10.34 33.38 9.62
CA VAL H 135 11.04 36.85 8.29
CA GLY H 136 14.56 37.02 6.88
CA ARG H 137 15.80 35.16 3.83
CA GLU H 138 17.19 32.61 6.24
CA LYS H 139 15.13 29.87 7.80
CA TYR H 140 15.19 29.86 11.59
CA ASP H 141 13.05 28.44 14.36
CA LEU H 142 14.41 30.70 17.06
CA PRO H 143 15.95 34.19 16.97
CA PRO H 144 19.74 33.71 16.97
CA VAL H 145 21.75 35.00 19.93
CA HIS H 146 23.71 37.04 17.42
CA GLY H 147 22.48 37.90 13.95
CA LYS H 148 21.37 40.96 12.06
CA LYS H 149 18.66 43.50 12.83
CA ILE H 150 15.94 43.66 10.21
CA PRO H 151 12.73 45.66 9.74
CA CYS H 152 9.73 43.59 10.82
CA THR H 153 6.35 44.19 12.45
CA VAL H 154 5.21 42.66 15.74
CA TYR H 155 2.67 42.94 18.59
CA ASP H 156 3.19 45.37 21.49
CA LEU H 255 -12.94 50.57 18.37
CA HIS H 256 -9.55 49.39 19.64
CA LEU H 257 -8.01 48.15 22.90
CA PRO H 258 -5.82 45.24 21.76
CA PHE H 259 -2.02 44.84 21.54
CA LYS H 260 -1.37 47.14 18.57
CA LEU H 261 0.90 46.13 15.68
CA ILE H 262 4.09 48.21 15.53
CA PRO H 263 6.98 47.98 13.06
CA SER H 264 10.36 47.32 14.71
CA THR H 265 13.39 45.03 14.61
CA CYS H 266 13.64 41.26 14.49
CA MET H 267 16.93 39.43 14.62
CA VAL H 268 17.44 37.21 11.60
CA PRO H 269 21.63 35.40 11.28
CA VAL H 270 24.29 36.21 8.71
CA ALA H 271 25.62 33.50 6.42
CA HIS H 272 29.11 32.09 5.96
CA ALA H 273 30.72 34.31 3.32
CA PRO H 274 30.98 32.38 0.05
CA ASN H 275 34.50 31.61 -1.03
CA VAL H 276 34.42 33.36 -4.40
CA ILE H 277 36.56 32.62 -7.41
CA HIS H 278 36.93 35.17 -10.18
CA GLY H 279 37.81 33.91 -13.65
CA PHE H 280 37.39 34.66 -17.34
CA LYS H 281 33.93 36.22 -17.41
CA HIS H 282 33.30 33.86 -14.54
CA ILE H 283 32.34 33.63 -10.88
CA SER H 284 32.13 30.23 -9.22
CA LEU H 285 30.53 30.69 -5.81
CA GLN H 286 31.66 28.09 -3.28
CA LEU H 287 28.94 28.05 -0.62
CA ASP H 288 28.68 26.15 2.67
CA THR H 289 25.75 26.94 4.96
CA ASP H 290 24.36 25.21 8.00
CA HIS H 291 20.88 26.36 7.02
CA LEU H 292 18.69 27.79 4.28
CA THR H 293 20.04 30.90 2.61
CA LEU H 294 18.53 32.70 -0.37
CA LEU H 295 20.86 33.45 -3.24
CA THR H 296 19.97 36.12 -5.75
CA THR H 297 21.56 37.41 -8.90
CA ARG H 298 20.95 39.80 -11.76
CA ARG H 299 23.06 41.32 -14.47
CA LEU H 300 23.92 44.99 -14.41
CA GLY H 301 23.17 45.53 -18.09
CA ALA H 302 19.83 45.13 -19.84
CA ASN H 303 18.74 41.52 -19.83
CA PRO H 304 19.51 40.86 -16.13
CA GLU H 305 18.10 37.34 -16.30
CA PRO H 306 17.49 37.57 -12.55
CA THR H 307 18.01 34.34 -10.61
CA THR H 308 16.76 33.31 -7.19
CA GLU H 309 17.44 30.01 -5.40
CA TRP H 310 17.53 28.75 -1.83
CA ILE H 311 20.58 26.75 -0.98
CA VAL H 312 21.71 24.47 1.83
CA GLY H 313 24.92 22.84 2.79
CA LYS H 314 27.63 22.53 0.21
CA THR H 315 27.60 23.41 -3.43
CA VAL H 316 29.25 25.55 -6.04
CA ARG H 317 27.49 27.90 -8.43
CA ASN H 318 29.19 29.67 -11.28
CA PHE H 319 27.65 32.63 -13.14
CA THR H 320 28.23 34.39 -16.22
CA VAL H 321 29.99 38.03 -16.03
CA ASP H 322 28.33 39.65 -19.05
CA ARG H 323 31.04 42.29 -19.28
CA ASP H 324 28.73 44.63 -17.38
CA GLY H 325 29.34 42.53 -14.30
CA LEU H 326 26.52 41.42 -12.01
CA GLU H 327 25.20 41.74 -8.50
CA TYR H 328 24.64 38.91 -6.08
CA ILE H 329 22.89 39.06 -2.72
CA TRP H 330 23.45 36.02 -0.58
CA GLY H 331 21.32 35.34 2.49
CA ASN H 332 20.67 38.83 3.92
CA HIS H 333 24.28 39.72 3.32
CA GLU H 334 24.92 42.79 1.64
CA PRO H 335 24.63 42.83 -1.84
CA VAL H 336 28.02 42.70 -3.56
CA ARG H 337 28.49 42.98 -7.27
CA VAL H 338 31.38 41.76 -9.36
CA TYR H 339 32.75 42.91 -12.70
CA ALA H 340 35.29 41.68 -15.25
#